data_9BP1
#
_entry.id   9BP1
#
_cell.length_a   210.174
_cell.length_b   210.174
_cell.length_c   46.175
_cell.angle_alpha   90.000
_cell.angle_beta   90.000
_cell.angle_gamma   120.000
#
_symmetry.space_group_name_H-M   'P 62'
#
loop_
_entity.id
_entity.type
_entity.pdbx_description
1 polymer 'ITS110.01 Heavy Chain'
2 polymer 'ITS110.01 Light Chain'
3 polymer 'Envelope glycoprotein gp160'
#
loop_
_entity_poly.entity_id
_entity_poly.type
_entity_poly.pdbx_seq_one_letter_code
_entity_poly.pdbx_strand_id
1 'polypeptide(L)'
;QVQLQESGPGLVKPSETLSLTCAVSGDSISSGNWWTWIRQPPGKGLEWIGNIGGNSGTTFYNPSLKSRVTISRDTSKNQF
SLKVNSVTVADTAVYFCARHSSGWFSLYGLDSWGQGVVVTVSSASTKGPSVFPLAPSSKSTSGGTAALGCLVKDYFPEPV
TVSWNSGALTSGVHTFPAVLQSSGLYSLSSVVTVPSSSLGTQTYICNVNHKPSNTKVDKRVEPKSCDKGLEV
;
A,H
2 'polypeptide(L)'
;DIQMTQSPSSLSASVGDRVTITCRASQDITSYLAWYQQKPGRAPKLLIYKTSTLQSGVPSRFSGSGSGTDFTLTISSLQP
EDFATYYCQRHDTTPLTFGGGTTVELKRTVAAPSVFIFPPSDEQLKSGTASVVCLLNNFYPREAKVQWKVDNALQSGNSQ
ESVTEQDSKDSTYSLSSTLTLSKADYEKHKVYACEVTHQGLSSPVTKSFNRGEC
;
B,D
3 'polypeptide(L)' LQKLNSWDVFGNWFDLASWIKYIQRRR I,E
#
# COMPACT_ATOMS: atom_id res chain seq x y z
N GLN A 1 10.33 -18.85 28.25
CA GLN A 1 10.44 -19.88 27.17
C GLN A 1 10.10 -19.30 25.81
N VAL A 2 9.41 -18.16 25.80
CA VAL A 2 9.10 -17.43 24.58
C VAL A 2 9.19 -15.94 24.86
N GLN A 3 9.84 -15.20 23.97
CA GLN A 3 10.02 -13.76 24.14
C GLN A 3 9.93 -13.11 22.77
N LEU A 4 9.03 -12.15 22.63
CA LEU A 4 8.83 -11.43 21.38
C LEU A 4 9.33 -9.99 21.53
N GLN A 5 9.73 -9.41 20.40
CA GLN A 5 10.31 -8.08 20.40
C GLN A 5 9.94 -7.39 19.09
N GLU A 6 9.20 -6.28 19.19
CA GLU A 6 8.86 -5.53 17.99
C GLU A 6 10.09 -4.78 17.47
N SER A 7 9.98 -4.30 16.23
CA SER A 7 11.03 -3.52 15.62
C SER A 7 10.49 -2.89 14.34
N GLY A 8 10.92 -1.67 14.06
CA GLY A 8 10.46 -0.94 12.90
C GLY A 8 10.41 0.55 13.14
N PRO A 9 10.02 1.31 12.12
CA PRO A 9 9.99 2.77 12.26
C PRO A 9 8.90 3.22 13.21
N GLY A 10 9.28 4.09 14.16
CA GLY A 10 8.33 4.69 15.06
C GLY A 10 7.63 5.90 14.52
N LEU A 11 7.88 6.25 13.26
CA LEU A 11 7.27 7.42 12.63
C LEU A 11 7.18 7.19 11.14
N VAL A 12 5.96 7.22 10.61
CA VAL A 12 5.70 7.14 9.18
C VAL A 12 4.83 8.32 8.80
N LYS A 13 4.69 8.55 7.50
CA LYS A 13 3.92 9.65 6.99
C LYS A 13 2.58 9.17 6.42
N PRO A 14 1.56 10.04 6.40
CA PRO A 14 0.26 9.62 5.86
C PRO A 14 0.40 9.15 4.42
N SER A 15 -0.38 8.12 4.08
CA SER A 15 -0.47 7.50 2.77
C SER A 15 0.70 6.57 2.49
N GLU A 16 1.78 6.63 3.26
CA GLU A 16 2.93 5.76 3.02
C GLU A 16 2.61 4.33 3.44
N THR A 17 3.60 3.45 3.31
CA THR A 17 3.49 2.06 3.71
C THR A 17 4.23 1.86 5.02
N LEU A 18 3.53 1.36 6.04
CA LEU A 18 4.15 1.00 7.30
C LEU A 18 4.63 -0.45 7.25
N SER A 19 5.82 -0.68 7.79
CA SER A 19 6.41 -2.02 7.84
C SER A 19 6.96 -2.26 9.23
N LEU A 20 6.45 -3.28 9.91
CA LEU A 20 6.90 -3.66 11.23
C LEU A 20 7.27 -5.13 11.22
N THR A 21 8.13 -5.52 12.16
CA THR A 21 8.64 -6.88 12.26
C THR A 21 8.68 -7.30 13.72
N CYS A 22 8.44 -8.58 13.95
CA CYS A 22 8.38 -9.15 15.29
C CYS A 22 9.28 -10.38 15.33
N ALA A 23 10.39 -10.28 16.07
CA ALA A 23 11.30 -11.40 16.23
C ALA A 23 10.86 -12.28 17.40
N VAL A 24 11.05 -13.59 17.23
CA VAL A 24 10.62 -14.57 18.22
C VAL A 24 11.83 -15.41 18.62
N SER A 25 11.96 -15.65 19.92
CA SER A 25 13.01 -16.49 20.47
C SER A 25 12.40 -17.48 21.45
N GLY A 26 13.00 -18.67 21.53
CA GLY A 26 12.53 -19.71 22.40
C GLY A 26 11.53 -20.66 21.79
N ASP A 27 11.04 -20.37 20.59
CA ASP A 27 10.11 -21.25 19.89
C ASP A 27 10.27 -21.02 18.40
N SER A 28 9.67 -21.91 17.61
CA SER A 28 9.77 -21.88 16.16
C SER A 28 8.58 -21.14 15.55
N ILE A 29 8.86 -20.34 14.52
CA ILE A 29 7.78 -19.71 13.77
C ILE A 29 6.90 -20.77 13.12
N SER A 30 7.52 -21.74 12.46
CA SER A 30 6.81 -22.82 11.78
C SER A 30 6.30 -23.80 12.85
N SER A 31 5.12 -23.52 13.37
CA SER A 31 4.50 -24.38 14.37
C SER A 31 3.01 -24.07 14.40
N GLY A 32 2.30 -24.73 15.32
CA GLY A 32 0.87 -24.61 15.43
C GLY A 32 0.35 -23.35 16.06
N ASN A 33 1.20 -22.37 16.32
CA ASN A 33 0.77 -21.11 16.91
C ASN A 33 0.31 -20.15 15.83
N TRP A 34 -0.55 -19.22 16.22
CA TRP A 34 -1.06 -18.18 15.35
C TRP A 34 -0.45 -16.85 15.79
N TRP A 35 0.47 -16.33 14.98
CA TRP A 35 1.19 -15.11 15.32
C TRP A 35 0.34 -13.90 14.95
N THR A 36 -0.07 -13.14 15.96
CA THR A 36 -1.09 -12.11 15.83
C THR A 36 -0.48 -10.72 16.01
N TRP A 37 -1.09 -9.75 15.34
CA TRP A 37 -0.73 -8.35 15.47
C TRP A 37 -1.88 -7.59 16.12
N ILE A 38 -1.56 -6.86 17.19
CA ILE A 38 -2.54 -6.07 17.92
C ILE A 38 -2.10 -4.61 17.90
N ARG A 39 -3.09 -3.71 17.99
CA ARG A 39 -2.80 -2.28 18.07
C ARG A 39 -3.77 -1.64 19.06
N GLN A 40 -3.30 -0.57 19.69
CA GLN A 40 -4.09 0.17 20.68
C GLN A 40 -3.83 1.67 20.53
N PRO A 41 -4.75 2.43 19.95
CA PRO A 41 -4.53 3.88 19.84
C PRO A 41 -4.28 4.50 21.21
N PRO A 42 -3.61 5.65 21.25
CA PRO A 42 -3.32 6.27 22.56
C PRO A 42 -4.60 6.58 23.33
N GLY A 43 -4.75 5.97 24.49
CA GLY A 43 -5.90 6.20 25.33
C GLY A 43 -7.14 5.41 24.96
N LYS A 44 -7.01 4.39 24.12
CA LYS A 44 -8.13 3.56 23.70
C LYS A 44 -7.84 2.10 24.02
N GLY A 45 -8.76 1.22 23.62
CA GLY A 45 -8.66 -0.19 23.90
C GLY A 45 -7.93 -0.96 22.82
N LEU A 46 -7.98 -2.27 22.94
CA LEU A 46 -7.26 -3.14 22.02
C LEU A 46 -8.07 -3.40 20.76
N GLU A 47 -7.36 -3.66 19.66
CA GLU A 47 -7.99 -3.91 18.36
C GLU A 47 -7.21 -5.02 17.67
N TRP A 48 -7.82 -6.20 17.56
CA TRP A 48 -7.21 -7.33 16.87
C TRP A 48 -7.09 -7.03 15.39
N ILE A 49 -5.87 -6.91 14.89
CA ILE A 49 -5.63 -6.62 13.48
C ILE A 49 -5.73 -7.91 12.69
N GLY A 50 -4.74 -8.78 12.83
CA GLY A 50 -4.75 -10.03 12.12
C GLY A 50 -3.72 -10.98 12.69
N ASN A 51 -3.77 -12.23 12.20
CA ASN A 51 -2.83 -13.26 12.61
C ASN A 51 -2.45 -14.09 11.38
N ILE A 52 -1.60 -15.09 11.59
CA ILE A 52 -1.10 -15.92 10.51
C ILE A 52 -0.60 -17.23 11.10
N GLY A 53 -0.89 -18.33 10.40
CA GLY A 53 -0.44 -19.63 10.87
C GLY A 53 1.00 -19.91 10.47
N GLY A 54 1.76 -20.44 11.42
CA GLY A 54 3.17 -20.68 11.17
C GLY A 54 3.42 -21.67 10.06
N ASN A 55 2.58 -22.70 9.97
CA ASN A 55 2.74 -23.77 8.98
C ASN A 55 1.73 -23.70 7.84
N SER A 56 0.47 -23.35 8.13
CA SER A 56 -0.53 -23.25 7.08
C SER A 56 -0.22 -22.10 6.14
N GLY A 57 0.27 -20.98 6.68
CA GLY A 57 0.56 -19.81 5.88
C GLY A 57 -0.64 -18.94 5.58
N THR A 58 -1.85 -19.39 5.90
CA THR A 58 -3.04 -18.58 5.67
C THR A 58 -3.13 -17.47 6.71
N THR A 59 -3.82 -16.40 6.34
CA THR A 59 -3.93 -15.21 7.18
C THR A 59 -5.40 -14.88 7.43
N PHE A 60 -5.62 -14.09 8.47
CA PHE A 60 -6.93 -13.56 8.81
C PHE A 60 -6.74 -12.13 9.29
N TYR A 61 -7.64 -11.24 8.88
CA TYR A 61 -7.52 -9.82 9.16
C TYR A 61 -8.81 -9.29 9.77
N ASN A 62 -8.73 -8.06 10.24
CA ASN A 62 -9.92 -7.34 10.70
C ASN A 62 -10.70 -6.86 9.49
N PRO A 63 -11.98 -7.19 9.36
CA PRO A 63 -12.72 -6.79 8.15
C PRO A 63 -12.71 -5.30 7.86
N SER A 64 -12.45 -4.46 8.87
CA SER A 64 -12.36 -3.03 8.65
C SER A 64 -11.00 -2.59 8.12
N LEU A 65 -10.10 -3.54 7.85
CA LEU A 65 -8.76 -3.18 7.39
C LEU A 65 -8.18 -4.18 6.41
N LYS A 66 -8.93 -5.19 5.97
CA LYS A 66 -8.35 -6.26 5.16
C LYS A 66 -7.71 -5.73 3.88
N SER A 67 -8.20 -4.61 3.35
CA SER A 67 -7.66 -4.10 2.10
C SER A 67 -6.27 -3.51 2.28
N ARG A 68 -5.98 -2.98 3.47
CA ARG A 68 -4.75 -2.24 3.71
C ARG A 68 -3.71 -3.04 4.49
N VAL A 69 -4.02 -4.27 4.90
CA VAL A 69 -3.15 -5.04 5.77
C VAL A 69 -2.54 -6.20 4.99
N THR A 70 -1.35 -6.60 5.41
CA THR A 70 -0.66 -7.76 4.85
C THR A 70 0.25 -8.35 5.92
N ILE A 71 0.04 -9.62 6.25
CA ILE A 71 0.86 -10.33 7.22
C ILE A 71 1.75 -11.30 6.46
N SER A 72 2.98 -11.47 6.95
CA SER A 72 3.97 -12.30 6.28
C SER A 72 4.73 -13.08 7.34
N ARG A 73 5.77 -13.80 6.92
CA ARG A 73 6.50 -14.69 7.81
C ARG A 73 7.87 -14.97 7.23
N ASP A 74 8.82 -15.28 8.11
CA ASP A 74 10.19 -15.60 7.73
C ASP A 74 10.70 -16.68 8.68
N THR A 75 10.67 -17.92 8.23
CA THR A 75 11.01 -19.04 9.10
C THR A 75 12.47 -19.01 9.52
N SER A 76 13.37 -18.66 8.60
CA SER A 76 14.79 -18.74 8.89
C SER A 76 15.19 -17.80 10.02
N LYS A 77 14.64 -16.59 10.03
CA LYS A 77 15.01 -15.57 11.00
C LYS A 77 14.14 -15.58 12.25
N ASN A 78 13.17 -16.50 12.34
CA ASN A 78 12.27 -16.57 13.48
C ASN A 78 11.48 -15.27 13.63
N GLN A 79 10.94 -14.79 12.50
CA GLN A 79 10.25 -13.51 12.46
C GLN A 79 8.93 -13.62 11.69
N PHE A 80 8.04 -12.67 11.95
CA PHE A 80 6.85 -12.46 11.16
C PHE A 80 6.57 -10.97 11.11
N SER A 81 6.08 -10.50 9.97
CA SER A 81 5.98 -9.07 9.68
C SER A 81 4.54 -8.66 9.42
N LEU A 82 4.32 -7.36 9.50
CA LEU A 82 3.03 -6.74 9.19
C LEU A 82 3.28 -5.51 8.33
N LYS A 83 2.48 -5.36 7.28
CA LYS A 83 2.56 -4.21 6.38
C LYS A 83 1.19 -3.55 6.30
N VAL A 84 1.16 -2.23 6.49
CA VAL A 84 -0.07 -1.45 6.43
C VAL A 84 0.15 -0.39 5.36
N ASN A 85 -0.47 -0.59 4.19
CA ASN A 85 -0.30 0.33 3.08
C ASN A 85 -1.37 1.41 3.09
N SER A 86 -1.05 2.54 2.47
CA SER A 86 -1.93 3.70 2.43
C SER A 86 -2.37 4.09 3.84
N VAL A 87 -1.38 4.37 4.68
CA VAL A 87 -1.65 4.70 6.08
C VAL A 87 -2.33 6.07 6.17
N THR A 88 -3.04 6.27 7.28
CA THR A 88 -3.67 7.55 7.58
C THR A 88 -3.26 7.99 8.98
N VAL A 89 -3.49 9.28 9.26
CA VAL A 89 -3.09 9.83 10.55
C VAL A 89 -3.78 9.11 11.69
N ALA A 90 -4.98 8.60 11.45
CA ALA A 90 -5.76 7.92 12.49
C ALA A 90 -5.23 6.52 12.82
N ASP A 91 -4.04 6.12 12.34
CA ASP A 91 -3.47 4.83 12.67
C ASP A 91 -2.38 4.91 13.72
N THR A 92 -2.03 6.12 14.18
CA THR A 92 -1.04 6.26 15.23
C THR A 92 -1.48 5.50 16.47
N ALA A 93 -0.63 4.60 16.95
CA ALA A 93 -1.00 3.72 18.06
C ALA A 93 0.24 2.93 18.49
N VAL A 94 0.06 2.11 19.51
CA VAL A 94 1.06 1.16 19.97
C VAL A 94 0.72 -0.19 19.36
N TYR A 95 1.65 -0.78 18.62
CA TYR A 95 1.42 -2.02 17.89
C TYR A 95 2.09 -3.17 18.62
N PHE A 96 1.29 -4.07 19.16
CA PHE A 96 1.79 -5.26 19.84
C PHE A 96 1.84 -6.44 18.87
N CYS A 97 2.81 -7.31 19.06
CA CYS A 97 2.86 -8.61 18.40
C CYS A 97 2.89 -9.69 19.47
N ALA A 98 1.98 -10.65 19.37
CA ALA A 98 1.81 -11.67 20.40
C ALA A 98 1.68 -13.04 19.74
N ARG A 99 1.82 -14.08 20.56
CA ARG A 99 1.70 -15.46 20.13
C ARG A 99 0.34 -15.98 20.59
N HIS A 100 -0.53 -16.28 19.63
CA HIS A 100 -1.87 -16.79 19.94
C HIS A 100 -1.78 -18.30 20.04
N SER A 101 -1.56 -18.79 21.27
CA SER A 101 -1.47 -20.22 21.50
C SER A 101 -2.71 -20.92 20.95
N SER A 102 -2.53 -22.18 20.56
CA SER A 102 -3.61 -22.94 19.93
C SER A 102 -3.63 -24.36 20.50
N GLY A 103 -4.81 -24.97 20.44
CA GLY A 103 -4.97 -26.36 20.78
C GLY A 103 -5.11 -27.24 19.55
N TRP A 104 -5.56 -28.47 19.78
CA TRP A 104 -5.75 -29.41 18.68
C TRP A 104 -6.84 -28.92 17.73
N PHE A 105 -7.98 -28.51 18.29
CA PHE A 105 -9.09 -28.03 17.49
C PHE A 105 -9.73 -26.79 18.09
N SER A 106 -9.07 -26.13 19.04
CA SER A 106 -9.63 -24.97 19.72
C SER A 106 -8.51 -24.00 20.05
N LEU A 107 -8.61 -22.78 19.56
CA LEU A 107 -7.65 -21.75 19.93
C LEU A 107 -7.67 -21.54 21.44
N TYR A 108 -6.58 -20.96 21.95
CA TYR A 108 -6.48 -20.66 23.38
C TYR A 108 -6.37 -19.15 23.59
N GLY A 109 -5.19 -18.66 23.99
CA GLY A 109 -5.03 -17.25 24.27
C GLY A 109 -3.65 -16.76 23.91
N LEU A 110 -3.50 -15.44 23.96
CA LEU A 110 -2.22 -14.78 23.68
C LEU A 110 -1.43 -14.71 24.97
N ASP A 111 -0.64 -15.76 25.24
CA ASP A 111 0.06 -15.90 26.51
C ASP A 111 1.42 -15.21 26.53
N SER A 112 1.96 -14.81 25.39
CA SER A 112 3.25 -14.13 25.32
C SER A 112 3.13 -12.94 24.40
N TRP A 113 3.50 -11.76 24.90
CA TRP A 113 3.42 -10.51 24.16
C TRP A 113 4.79 -9.86 24.08
N GLY A 114 4.92 -8.94 23.12
CA GLY A 114 6.05 -8.05 23.09
C GLY A 114 5.76 -6.75 23.83
N GLN A 115 6.82 -6.04 24.22
CA GLN A 115 6.64 -4.80 24.96
C GLN A 115 5.82 -3.78 24.17
N GLY A 116 5.74 -3.93 22.86
CA GLY A 116 5.04 -2.98 22.02
C GLY A 116 5.98 -2.01 21.34
N VAL A 117 5.46 -1.36 20.30
CA VAL A 117 6.21 -0.37 19.54
C VAL A 117 5.28 0.79 19.20
N VAL A 118 5.70 2.01 19.54
CA VAL A 118 4.94 3.20 19.21
C VAL A 118 5.23 3.58 17.76
N VAL A 119 4.17 3.93 17.02
CA VAL A 119 4.30 4.35 15.63
C VAL A 119 3.34 5.51 15.41
N THR A 120 3.87 6.64 14.97
CA THR A 120 3.08 7.85 14.73
C THR A 120 2.97 8.10 13.24
N VAL A 121 1.79 8.55 12.82
CA VAL A 121 1.53 8.93 11.43
C VAL A 121 1.19 10.41 11.44
N SER A 122 2.11 11.24 10.95
CA SER A 122 1.92 12.69 10.99
C SER A 122 2.77 13.32 9.90
N SER A 123 2.26 14.45 9.38
CA SER A 123 2.99 15.21 8.38
C SER A 123 3.98 16.18 8.99
N ALA A 124 3.77 16.59 10.24
CA ALA A 124 4.65 17.55 10.87
C ALA A 124 6.08 17.01 10.96
N SER A 125 7.04 17.93 10.91
CA SER A 125 8.45 17.59 11.00
C SER A 125 8.93 17.66 12.44
N THR A 126 10.05 16.99 12.71
CA THR A 126 10.63 16.96 14.05
C THR A 126 10.96 18.37 14.50
N LYS A 127 10.24 18.87 15.51
CA LYS A 127 10.39 20.24 15.99
C LYS A 127 10.66 20.21 17.49
N GLY A 128 11.75 20.83 17.91
CA GLY A 128 12.15 20.83 19.30
C GLY A 128 11.17 21.58 20.18
N PRO A 129 11.13 21.24 21.46
CA PRO A 129 10.09 21.81 22.34
C PRO A 129 10.43 23.21 22.83
N SER A 130 9.40 24.05 22.88
CA SER A 130 9.49 25.36 23.51
C SER A 130 9.04 25.24 24.96
N VAL A 131 9.89 25.67 25.89
CA VAL A 131 9.64 25.55 27.32
C VAL A 131 9.40 26.95 27.89
N PHE A 132 8.29 27.12 28.58
CA PHE A 132 7.94 28.40 29.21
C PHE A 132 7.66 28.17 30.69
N PRO A 133 8.02 29.12 31.55
CA PRO A 133 7.84 28.88 32.99
C PRO A 133 6.45 29.25 33.46
N LEU A 134 5.91 28.44 34.38
CA LEU A 134 4.64 28.71 35.06
C LEU A 134 5.01 29.09 36.49
N ALA A 135 5.19 30.40 36.72
CA ALA A 135 5.77 30.88 37.95
C ALA A 135 4.76 30.87 39.09
N PRO A 136 5.21 30.63 40.32
CA PRO A 136 4.30 30.69 41.47
C PRO A 136 4.01 32.12 41.88
N SER A 137 2.81 32.33 42.40
CA SER A 137 2.35 33.65 42.78
C SER A 137 1.17 33.48 43.75
N SER A 138 0.55 34.60 44.12
CA SER A 138 -0.64 34.55 44.96
C SER A 138 -1.78 33.84 44.26
N LYS A 139 -1.77 33.79 42.92
CA LYS A 139 -2.81 33.06 42.20
C LYS A 139 -2.65 31.56 42.38
N SER A 140 -1.41 31.08 42.39
CA SER A 140 -1.12 29.65 42.56
C SER A 140 -0.66 29.35 43.98
N THR A 141 -1.41 29.83 44.97
CA THR A 141 -1.11 29.60 46.38
C THR A 141 -2.41 29.30 47.10
N SER A 142 -2.66 28.02 47.38
CA SER A 142 -3.79 27.58 48.18
C SER A 142 -3.24 27.08 49.52
N GLY A 143 -3.57 27.79 50.59
CA GLY A 143 -3.00 27.43 51.89
C GLY A 143 -1.53 27.80 51.95
N GLY A 144 -0.76 26.96 52.64
CA GLY A 144 0.67 27.13 52.73
C GLY A 144 1.45 26.48 51.61
N THR A 145 0.77 25.90 50.62
CA THR A 145 1.41 25.21 49.51
C THR A 145 1.39 26.10 48.28
N ALA A 146 2.52 26.18 47.59
CA ALA A 146 2.64 26.90 46.33
C ALA A 146 2.94 25.92 45.21
N ALA A 147 2.42 26.22 44.02
CA ALA A 147 2.57 25.36 42.86
C ALA A 147 3.21 26.12 41.71
N LEU A 148 4.18 25.49 41.07
CA LEU A 148 4.84 26.02 39.88
C LEU A 148 4.94 24.90 38.86
N GLY A 149 5.52 25.19 37.70
CA GLY A 149 5.64 24.17 36.68
C GLY A 149 6.31 24.70 35.44
N CYS A 150 6.34 23.84 34.41
CA CYS A 150 6.92 24.16 33.12
C CYS A 150 5.94 23.78 32.02
N LEU A 151 5.82 24.64 31.02
CA LEU A 151 4.91 24.44 29.89
C LEU A 151 5.74 24.03 28.68
N VAL A 152 5.69 22.74 28.34
CA VAL A 152 6.39 22.21 27.17
C VAL A 152 5.38 22.22 26.02
N LYS A 153 5.54 23.14 25.08
CA LYS A 153 4.56 23.38 24.04
C LYS A 153 5.21 23.36 22.66
N ASP A 154 4.40 23.01 21.66
CA ASP A 154 4.86 22.99 20.27
C ASP A 154 6.11 22.14 20.10
N TYR A 155 5.93 20.81 20.09
CA TYR A 155 7.03 19.90 19.86
C TYR A 155 6.52 18.67 19.13
N PHE A 156 7.43 17.98 18.44
CA PHE A 156 7.09 16.78 17.71
C PHE A 156 8.37 16.02 17.40
N PRO A 157 8.37 14.68 17.48
CA PRO A 157 7.28 13.79 17.93
C PRO A 157 7.35 13.52 19.42
N GLU A 158 6.41 12.73 19.95
CA GLU A 158 6.56 12.24 21.31
C GLU A 158 7.80 11.36 21.41
N PRO A 159 8.32 11.14 22.62
CA PRO A 159 7.92 11.70 23.91
C PRO A 159 8.91 12.75 24.42
N VAL A 160 8.59 13.39 25.54
CA VAL A 160 9.52 14.29 26.24
C VAL A 160 9.56 13.88 27.70
N THR A 161 10.77 13.83 28.26
CA THR A 161 10.97 13.48 29.66
C THR A 161 11.32 14.75 30.44
N VAL A 162 10.61 14.95 31.56
CA VAL A 162 10.76 16.15 32.36
C VAL A 162 11.11 15.73 33.79
N SER A 163 12.23 16.24 34.29
CA SER A 163 12.62 16.09 35.68
C SER A 163 12.74 17.47 36.32
N TRP A 164 12.86 17.49 37.64
CA TRP A 164 12.98 18.72 38.40
C TRP A 164 14.23 18.67 39.27
N ASN A 165 14.97 19.77 39.28
CA ASN A 165 16.24 19.84 40.02
C ASN A 165 17.18 18.71 39.59
N SER A 166 17.22 18.46 38.28
CA SER A 166 18.08 17.42 37.71
C SER A 166 17.80 16.06 38.35
N GLY A 167 16.52 15.71 38.42
CA GLY A 167 16.11 14.43 38.95
C GLY A 167 16.15 14.32 40.46
N ALA A 168 16.49 15.40 41.17
CA ALA A 168 16.53 15.35 42.62
C ALA A 168 15.14 15.46 43.24
N LEU A 169 14.23 16.17 42.58
CA LEU A 169 12.88 16.40 43.10
C LEU A 169 11.92 15.43 42.42
N THR A 170 11.30 14.56 43.22
CA THR A 170 10.32 13.60 42.72
C THR A 170 9.03 13.58 43.52
N SER A 171 9.00 14.07 44.75
CA SER A 171 7.80 14.05 45.56
C SER A 171 6.94 15.28 45.26
N GLY A 172 5.67 15.05 44.95
CA GLY A 172 4.74 16.12 44.68
C GLY A 172 4.68 16.57 43.23
N VAL A 173 5.47 15.97 42.34
CA VAL A 173 5.49 16.35 40.94
C VAL A 173 4.39 15.61 40.20
N HIS A 174 3.74 16.31 39.27
CA HIS A 174 2.71 15.72 38.41
C HIS A 174 2.95 16.20 36.98
N THR A 175 3.47 15.31 36.15
CA THR A 175 3.68 15.58 34.73
C THR A 175 2.49 15.03 33.95
N PHE A 176 1.80 15.91 33.23
CA PHE A 176 0.56 15.51 32.57
C PHE A 176 0.83 14.92 31.19
N PRO A 177 -0.05 14.05 30.72
CA PRO A 177 0.08 13.56 29.34
C PRO A 177 0.04 14.71 28.34
N ALA A 178 0.60 14.46 27.16
CA ALA A 178 0.65 15.46 26.10
C ALA A 178 -0.57 15.36 25.21
N VAL A 179 -1.08 16.51 24.78
CA VAL A 179 -2.21 16.60 23.88
C VAL A 179 -1.72 17.08 22.53
N LEU A 180 -2.20 16.44 21.47
CA LEU A 180 -1.79 16.80 20.11
C LEU A 180 -2.66 17.95 19.64
N GLN A 181 -2.09 19.15 19.61
CA GLN A 181 -2.82 20.34 19.22
C GLN A 181 -3.22 20.26 17.75
N SER A 182 -4.13 21.17 17.37
CA SER A 182 -4.54 21.26 15.97
C SER A 182 -3.35 21.53 15.06
N SER A 183 -2.30 22.16 15.58
CA SER A 183 -1.09 22.46 14.82
C SER A 183 -0.26 21.22 14.52
N GLY A 184 -0.72 20.02 14.85
CA GLY A 184 0.09 18.83 14.68
C GLY A 184 1.22 18.69 15.66
N LEU A 185 1.34 19.60 16.62
CA LEU A 185 2.41 19.57 17.61
C LEU A 185 1.81 19.24 18.98
N TYR A 186 2.60 18.57 19.80
CA TYR A 186 2.15 18.18 21.13
C TYR A 186 2.33 19.34 22.11
N SER A 187 1.78 19.14 23.31
CA SER A 187 1.87 20.15 24.37
C SER A 187 1.49 19.53 25.71
N LEU A 188 2.33 19.76 26.73
CA LEU A 188 2.04 19.22 28.06
C LEU A 188 2.52 20.23 29.11
N SER A 189 2.25 19.92 30.37
CA SER A 189 2.68 20.73 31.49
C SER A 189 3.14 19.82 32.61
N SER A 190 4.26 20.19 33.24
CA SER A 190 4.79 19.47 34.39
C SER A 190 4.87 20.44 35.56
N VAL A 191 4.11 20.17 36.62
CA VAL A 191 4.01 21.06 37.76
C VAL A 191 4.56 20.34 38.99
N VAL A 192 4.86 21.12 40.02
CA VAL A 192 5.39 20.59 41.27
C VAL A 192 4.90 21.47 42.41
N THR A 193 4.40 20.84 43.48
CA THR A 193 3.89 21.54 44.64
C THR A 193 4.98 21.57 45.71
N VAL A 194 5.18 22.74 46.31
CA VAL A 194 6.22 22.92 47.34
C VAL A 194 5.70 23.88 48.40
N PRO A 195 6.23 23.78 49.61
CA PRO A 195 5.84 24.73 50.66
C PRO A 195 6.08 26.17 50.23
N SER A 196 5.17 27.05 50.65
CA SER A 196 5.27 28.46 50.25
C SER A 196 6.58 29.08 50.70
N SER A 197 7.14 28.61 51.82
CA SER A 197 8.40 29.17 52.31
C SER A 197 9.56 28.84 51.38
N SER A 198 9.50 27.71 50.68
CA SER A 198 10.60 27.32 49.81
C SER A 198 10.82 28.28 48.66
N LEU A 199 9.79 29.06 48.29
CA LEU A 199 9.90 29.93 47.12
C LEU A 199 11.04 30.93 47.28
N GLY A 200 11.19 31.49 48.48
CA GLY A 200 12.20 32.51 48.71
C GLY A 200 13.59 31.99 48.99
N THR A 201 13.74 30.70 49.27
CA THR A 201 15.02 30.10 49.63
C THR A 201 15.53 29.12 48.58
N GLN A 202 14.70 28.20 48.13
CA GLN A 202 15.13 27.12 47.25
C GLN A 202 14.98 27.51 45.79
N THR A 203 15.85 26.93 44.95
CA THR A 203 15.82 27.14 43.52
C THR A 203 15.20 25.92 42.84
N TYR A 204 14.45 26.17 41.77
CA TYR A 204 13.71 25.12 41.07
C TYR A 204 13.97 25.24 39.58
N ILE A 205 14.32 24.11 38.95
CA ILE A 205 14.63 24.06 37.53
C ILE A 205 14.08 22.76 36.97
N CYS A 206 13.35 22.85 35.86
CA CYS A 206 12.80 21.69 35.17
C CYS A 206 13.72 21.33 34.01
N ASN A 207 14.08 20.05 33.92
CA ASN A 207 15.01 19.55 32.91
C ASN A 207 14.22 18.75 31.88
N VAL A 208 14.13 19.29 30.66
CA VAL A 208 13.40 18.66 29.57
C VAL A 208 14.40 18.03 28.60
N ASN A 209 14.10 16.81 28.17
CA ASN A 209 14.93 16.09 27.21
C ASN A 209 14.03 15.58 26.09
N HIS A 210 14.36 15.96 24.85
CA HIS A 210 13.61 15.56 23.66
C HIS A 210 14.61 15.01 22.66
N LYS A 211 15.01 13.75 22.86
CA LYS A 211 16.04 13.16 22.02
C LYS A 211 15.66 13.03 20.56
N PRO A 212 14.38 12.92 20.16
CA PRO A 212 14.07 12.89 18.73
C PRO A 212 14.69 14.04 17.95
N SER A 213 15.01 15.14 18.63
CA SER A 213 15.70 16.27 18.03
C SER A 213 17.01 16.59 18.74
N ASN A 214 17.43 15.76 19.70
CA ASN A 214 18.64 16.01 20.48
C ASN A 214 18.55 17.36 21.20
N THR A 215 17.41 17.58 21.85
CA THR A 215 17.15 18.82 22.57
C THR A 215 17.21 18.56 24.07
N LYS A 216 18.04 19.31 24.77
CA LYS A 216 18.15 19.27 26.22
C LYS A 216 18.05 20.69 26.73
N VAL A 217 16.99 21.02 27.45
CA VAL A 217 16.76 22.37 27.95
C VAL A 217 16.49 22.33 29.45
N ASP A 218 16.97 23.36 30.14
CA ASP A 218 16.71 23.56 31.56
C ASP A 218 16.17 24.97 31.75
N LYS A 219 15.14 25.09 32.57
CA LYS A 219 14.42 26.35 32.74
C LYS A 219 14.23 26.63 34.22
N ARG A 220 14.78 27.75 34.67
CA ARG A 220 14.50 28.21 36.03
C ARG A 220 13.06 28.71 36.12
N VAL A 221 12.42 28.47 37.26
CA VAL A 221 11.06 28.93 37.53
C VAL A 221 11.13 29.82 38.76
N GLU A 222 10.90 31.13 38.56
CA GLU A 222 11.03 32.11 39.62
C GLU A 222 9.73 32.88 39.77
N PRO A 223 9.36 33.27 41.00
CA PRO A 223 8.16 34.09 41.18
C PRO A 223 8.23 35.40 40.40
N LYS A 224 7.09 36.06 40.31
CA LYS A 224 6.98 37.31 39.57
C LYS A 224 7.57 37.15 38.16
N ASP B 1 -17.57 -6.76 12.67
CA ASP B 1 -18.86 -7.51 12.67
C ASP B 1 -19.35 -7.73 14.12
N ILE B 2 -18.81 -8.77 14.77
CA ILE B 2 -19.14 -9.05 16.16
C ILE B 2 -18.97 -7.79 17.00
N GLN B 3 -19.82 -7.62 18.00
CA GLN B 3 -19.75 -6.49 18.92
C GLN B 3 -19.65 -7.02 20.34
N MET B 4 -18.57 -6.66 21.03
CA MET B 4 -18.30 -7.11 22.39
C MET B 4 -18.35 -5.89 23.31
N THR B 5 -19.27 -5.90 24.27
CA THR B 5 -19.44 -4.82 25.22
C THR B 5 -19.10 -5.31 26.63
N GLN B 6 -18.39 -4.47 27.38
CA GLN B 6 -18.08 -4.74 28.78
C GLN B 6 -18.83 -3.76 29.66
N SER B 7 -19.10 -4.18 30.91
CA SER B 7 -19.86 -3.37 31.84
C SER B 7 -19.48 -3.75 33.26
N PRO B 8 -19.29 -2.78 34.16
CA PRO B 8 -19.35 -1.33 33.93
C PRO B 8 -18.14 -0.84 33.17
N SER B 9 -18.25 0.24 32.39
CA SER B 9 -17.08 0.77 31.70
C SER B 9 -15.95 1.08 32.66
N SER B 10 -16.26 1.32 33.94
CA SER B 10 -15.26 1.52 34.98
C SER B 10 -15.94 1.50 36.32
N LEU B 11 -15.28 0.92 37.32
CA LEU B 11 -15.82 0.88 38.67
C LEU B 11 -14.69 1.02 39.67
N SER B 12 -15.05 1.43 40.88
CA SER B 12 -14.09 1.64 41.97
C SER B 12 -14.48 0.75 43.15
N ALA B 13 -13.49 0.08 43.72
CA ALA B 13 -13.71 -0.78 44.88
C ALA B 13 -12.44 -0.85 45.70
N SER B 14 -12.61 -1.16 46.98
CA SER B 14 -11.50 -1.23 47.92
C SER B 14 -10.96 -2.66 48.02
N VAL B 15 -9.70 -2.76 48.44
CA VAL B 15 -9.08 -4.07 48.61
C VAL B 15 -9.90 -4.88 49.60
N GLY B 16 -10.08 -6.17 49.29
CA GLY B 16 -10.87 -7.07 50.10
C GLY B 16 -12.28 -7.28 49.60
N ASP B 17 -12.74 -6.48 48.65
CA ASP B 17 -14.08 -6.62 48.10
C ASP B 17 -14.12 -7.67 47.01
N ARG B 18 -15.28 -8.29 46.84
CA ARG B 18 -15.51 -9.23 45.75
C ARG B 18 -15.99 -8.44 44.54
N VAL B 19 -15.18 -8.42 43.48
CA VAL B 19 -15.44 -7.62 42.29
C VAL B 19 -15.91 -8.55 41.17
N THR B 20 -16.69 -7.98 40.25
CA THR B 20 -17.23 -8.74 39.13
C THR B 20 -17.36 -7.82 37.93
N ILE B 21 -16.85 -8.27 36.78
CA ILE B 21 -16.99 -7.58 35.51
C ILE B 21 -17.77 -8.48 34.57
N THR B 22 -18.54 -7.87 33.67
CA THR B 22 -19.35 -8.59 32.70
C THR B 22 -18.92 -8.23 31.28
N CYS B 23 -18.93 -9.23 30.40
CA CYS B 23 -18.61 -9.02 28.99
C CYS B 23 -19.62 -9.79 28.16
N ARG B 24 -20.32 -9.09 27.28
CA ARG B 24 -21.39 -9.66 26.47
C ARG B 24 -21.05 -9.52 24.99
N ALA B 25 -21.40 -10.54 24.22
CA ALA B 25 -21.21 -10.54 22.78
C ALA B 25 -22.52 -10.16 22.08
N SER B 26 -22.49 -10.14 20.76
CA SER B 26 -23.70 -9.96 19.96
C SER B 26 -24.17 -11.26 19.33
N GLN B 27 -23.42 -12.36 19.49
CA GLN B 27 -23.83 -13.66 18.99
C GLN B 27 -23.14 -14.74 19.82
N ASP B 28 -23.69 -15.94 19.74
CA ASP B 28 -23.18 -17.07 20.52
C ASP B 28 -21.72 -17.32 20.18
N ILE B 29 -20.93 -17.69 21.19
CA ILE B 29 -19.52 -18.03 21.01
C ILE B 29 -19.13 -19.16 21.95
N THR B 30 -20.10 -20.01 22.30
CA THR B 30 -19.87 -21.16 23.17
C THR B 30 -19.08 -20.75 24.40
N SER B 31 -18.09 -21.55 24.80
CA SER B 31 -17.25 -21.28 25.96
C SER B 31 -15.88 -20.73 25.57
N TYR B 32 -15.79 -20.05 24.44
CA TYR B 32 -14.52 -19.53 23.93
C TYR B 32 -14.48 -18.02 24.19
N LEU B 33 -13.97 -17.66 25.37
CA LEU B 33 -13.77 -16.28 25.75
C LEU B 33 -12.50 -16.18 26.58
N ALA B 34 -11.69 -15.16 26.30
CA ALA B 34 -10.42 -14.95 26.97
C ALA B 34 -10.40 -13.60 27.66
N TRP B 35 -9.87 -13.57 28.88
CA TRP B 35 -9.75 -12.36 29.67
C TRP B 35 -8.28 -11.95 29.76
N TYR B 36 -8.05 -10.63 29.73
CA TYR B 36 -6.70 -10.09 29.81
C TYR B 36 -6.65 -8.96 30.84
N GLN B 37 -5.48 -8.77 31.43
CA GLN B 37 -5.20 -7.66 32.32
C GLN B 37 -4.10 -6.80 31.69
N GLN B 38 -4.27 -5.48 31.79
CA GLN B 38 -3.32 -4.54 31.20
C GLN B 38 -2.97 -3.47 32.21
N LYS B 39 -1.69 -3.42 32.60
CA LYS B 39 -1.20 -2.32 33.42
C LYS B 39 -0.93 -1.10 32.55
N PRO B 40 -0.82 0.09 33.16
CA PRO B 40 -0.61 1.29 32.36
C PRO B 40 0.66 1.20 31.51
N GLY B 41 0.52 1.51 30.23
CA GLY B 41 1.65 1.53 29.32
C GLY B 41 2.31 0.19 29.06
N ARG B 42 1.77 -0.90 29.60
CA ARG B 42 2.36 -2.23 29.44
C ARG B 42 1.49 -3.08 28.53
N ALA B 43 2.07 -4.20 28.09
CA ALA B 43 1.33 -5.15 27.27
C ALA B 43 0.37 -5.95 28.15
N PRO B 44 -0.74 -6.43 27.57
CA PRO B 44 -1.69 -7.22 28.36
C PRO B 44 -1.05 -8.49 28.93
N LYS B 45 -1.78 -9.10 29.86
CA LYS B 45 -1.37 -10.36 30.49
C LYS B 45 -2.52 -11.34 30.40
N LEU B 46 -2.31 -12.45 29.70
CA LEU B 46 -3.34 -13.47 29.57
C LEU B 46 -3.73 -14.02 30.93
N LEU B 47 -4.98 -13.76 31.34
CA LEU B 47 -5.50 -14.27 32.61
C LEU B 47 -6.23 -15.60 32.40
N ILE B 48 -7.25 -15.61 31.55
CA ILE B 48 -8.14 -16.75 31.41
C ILE B 48 -8.40 -17.02 29.94
N TYR B 49 -8.55 -18.30 29.61
CA TYR B 49 -9.04 -18.74 28.32
C TYR B 49 -10.09 -19.82 28.56
N LYS B 50 -10.90 -20.08 27.54
CA LYS B 50 -11.94 -21.11 27.63
C LYS B 50 -12.91 -20.80 28.76
N THR B 51 -13.35 -19.53 28.81
CA THR B 51 -14.33 -19.05 29.77
C THR B 51 -13.76 -18.96 31.18
N SER B 52 -13.35 -20.10 31.75
CA SER B 52 -12.93 -20.14 33.15
C SER B 52 -11.61 -20.85 33.38
N THR B 53 -10.93 -21.32 32.34
CA THR B 53 -9.67 -22.03 32.51
C THR B 53 -8.57 -21.02 32.80
N LEU B 54 -8.03 -21.08 34.01
CA LEU B 54 -7.07 -20.08 34.48
C LEU B 54 -5.68 -20.38 33.93
N GLN B 55 -5.06 -19.36 33.34
CA GLN B 55 -3.69 -19.50 32.84
C GLN B 55 -2.73 -19.77 34.00
N SER B 56 -1.69 -20.55 33.72
CA SER B 56 -0.72 -20.88 34.75
C SER B 56 -0.04 -19.62 35.28
N GLY B 57 0.15 -19.56 36.59
CA GLY B 57 0.77 -18.43 37.22
C GLY B 57 -0.18 -17.33 37.64
N VAL B 58 -1.46 -17.44 37.31
CA VAL B 58 -2.45 -16.43 37.68
C VAL B 58 -3.03 -16.80 39.04
N PRO B 59 -3.27 -15.83 39.93
CA PRO B 59 -3.77 -16.18 41.26
C PRO B 59 -5.12 -16.88 41.21
N SER B 60 -5.43 -17.60 42.29
CA SER B 60 -6.67 -18.36 42.36
C SER B 60 -7.89 -17.45 42.44
N ARG B 61 -7.72 -16.25 42.99
CA ARG B 61 -8.87 -15.36 43.19
C ARG B 61 -9.50 -14.92 41.87
N PHE B 62 -8.83 -15.16 40.74
CA PHE B 62 -9.42 -14.87 39.43
C PHE B 62 -10.25 -16.06 38.98
N SER B 63 -11.51 -15.80 38.64
CA SER B 63 -12.43 -16.86 38.23
C SER B 63 -13.30 -16.36 37.09
N GLY B 64 -13.45 -17.19 36.05
CA GLY B 64 -14.29 -16.86 34.93
C GLY B 64 -15.56 -17.70 34.92
N SER B 65 -16.60 -17.22 34.25
CA SER B 65 -17.89 -17.93 34.24
C SER B 65 -18.66 -17.48 33.00
N GLY B 66 -19.83 -18.07 32.81
CA GLY B 66 -20.73 -17.70 31.74
C GLY B 66 -20.57 -18.57 30.50
N SER B 67 -21.57 -18.50 29.64
CA SER B 67 -21.58 -19.23 28.38
C SER B 67 -22.48 -18.52 27.40
N GLY B 68 -22.07 -18.50 26.13
CA GLY B 68 -22.90 -17.95 25.08
C GLY B 68 -22.67 -16.47 24.84
N THR B 69 -23.56 -15.63 25.36
CA THR B 69 -23.53 -14.19 25.15
C THR B 69 -23.60 -13.44 26.47
N ASP B 70 -22.93 -13.98 27.49
CA ASP B 70 -22.93 -13.35 28.80
C ASP B 70 -21.87 -13.99 29.69
N PHE B 71 -20.70 -13.37 29.79
CA PHE B 71 -19.57 -13.91 30.52
C PHE B 71 -19.25 -13.02 31.71
N THR B 72 -18.54 -13.59 32.68
CA THR B 72 -18.27 -12.91 33.94
C THR B 72 -16.87 -13.24 34.42
N LEU B 73 -16.12 -12.19 34.79
CA LEU B 73 -14.82 -12.32 35.43
C LEU B 73 -14.96 -11.81 36.86
N THR B 74 -14.75 -12.69 37.83
CA THR B 74 -14.88 -12.35 39.24
C THR B 74 -13.52 -12.42 39.93
N ILE B 75 -13.24 -11.43 40.76
CA ILE B 75 -12.03 -11.39 41.58
C ILE B 75 -12.48 -11.42 43.04
N SER B 76 -12.24 -12.54 43.72
CA SER B 76 -12.51 -12.62 45.15
C SER B 76 -11.37 -11.97 45.93
N SER B 77 -11.73 -11.19 46.95
CA SER B 77 -10.75 -10.50 47.79
C SER B 77 -9.75 -9.74 46.92
N LEU B 78 -10.26 -8.68 46.29
CA LEU B 78 -9.45 -7.86 45.42
C LEU B 78 -8.18 -7.42 46.13
N GLN B 79 -7.07 -7.37 45.38
CA GLN B 79 -5.77 -7.03 45.90
C GLN B 79 -5.23 -5.77 45.23
N PRO B 80 -4.21 -5.13 45.82
CA PRO B 80 -3.73 -3.86 45.24
C PRO B 80 -3.20 -4.02 43.83
N GLU B 81 -2.44 -5.08 43.56
CA GLU B 81 -1.86 -5.32 42.24
C GLU B 81 -2.88 -5.74 41.20
N ASP B 82 -4.18 -5.67 41.49
CA ASP B 82 -5.22 -6.04 40.54
C ASP B 82 -5.89 -4.83 39.88
N PHE B 83 -5.59 -3.62 40.34
CA PHE B 83 -6.14 -2.42 39.72
C PHE B 83 -5.51 -2.24 38.35
N ALA B 84 -6.32 -2.40 37.30
CA ALA B 84 -5.83 -2.34 35.93
C ALA B 84 -7.05 -2.26 35.02
N THR B 85 -6.82 -2.39 33.72
CA THR B 85 -7.89 -2.44 32.71
C THR B 85 -8.01 -3.88 32.22
N TYR B 86 -9.24 -4.38 32.15
CA TYR B 86 -9.51 -5.77 31.82
C TYR B 86 -10.30 -5.85 30.53
N TYR B 87 -9.83 -6.70 29.61
CA TYR B 87 -10.46 -6.89 28.32
C TYR B 87 -10.88 -8.34 28.14
N CYS B 88 -11.94 -8.55 27.37
CA CYS B 88 -12.36 -9.88 26.93
C CYS B 88 -12.11 -10.01 25.44
N GLN B 89 -12.04 -11.26 24.97
CA GLN B 89 -11.77 -11.51 23.57
C GLN B 89 -12.47 -12.78 23.11
N ARG B 90 -13.16 -12.70 21.98
CA ARG B 90 -13.64 -13.89 21.30
C ARG B 90 -12.47 -14.66 20.71
N HIS B 91 -12.37 -15.95 21.05
CA HIS B 91 -11.28 -16.79 20.56
C HIS B 91 -11.85 -18.14 20.10
N ASP B 92 -12.69 -18.11 19.07
CA ASP B 92 -13.17 -19.32 18.42
C ASP B 92 -13.07 -19.18 16.91
N THR B 93 -13.51 -18.03 16.39
CA THR B 93 -13.44 -17.72 14.97
C THR B 93 -13.17 -16.24 14.80
N THR B 94 -12.72 -15.88 13.60
CA THR B 94 -12.43 -14.49 13.30
C THR B 94 -13.68 -13.63 13.53
N PRO B 95 -13.49 -12.31 13.74
CA PRO B 95 -12.23 -11.57 13.79
C PRO B 95 -11.65 -11.40 15.19
N LEU B 96 -11.88 -12.36 16.10
CA LEU B 96 -11.30 -12.34 17.44
C LEU B 96 -11.31 -10.94 18.03
N THR B 97 -12.50 -10.39 18.18
CA THR B 97 -12.66 -8.99 18.59
C THR B 97 -12.45 -8.84 20.09
N PHE B 98 -11.84 -7.73 20.48
CA PHE B 98 -11.64 -7.38 21.88
C PHE B 98 -12.80 -6.53 22.38
N GLY B 99 -13.13 -6.69 23.65
CA GLY B 99 -14.15 -5.87 24.28
C GLY B 99 -13.71 -4.42 24.39
N GLY B 100 -14.60 -3.61 24.98
CA GLY B 100 -14.31 -2.21 25.17
C GLY B 100 -13.37 -1.90 26.31
N GLY B 101 -13.24 -2.82 27.25
CA GLY B 101 -12.34 -2.65 28.38
C GLY B 101 -13.05 -2.13 29.61
N THR B 102 -12.55 -2.53 30.78
CA THR B 102 -13.09 -2.07 32.06
C THR B 102 -11.92 -1.70 32.96
N THR B 103 -11.92 -0.47 33.45
CA THR B 103 -10.88 0.02 34.35
C THR B 103 -11.33 -0.12 35.79
N VAL B 104 -10.39 -0.46 36.66
CA VAL B 104 -10.66 -0.70 38.08
C VAL B 104 -9.89 0.32 38.90
N GLU B 105 -10.59 1.04 39.77
CA GLU B 105 -10.02 2.10 40.58
C GLU B 105 -9.69 1.58 41.99
N LEU B 106 -9.27 2.48 42.87
CA LEU B 106 -9.14 2.23 44.29
C LEU B 106 -10.02 3.26 45.00
N LYS B 107 -11.19 2.83 45.48
CA LYS B 107 -12.09 3.76 46.13
C LYS B 107 -11.40 4.40 47.33
N ARG B 108 -11.55 5.72 47.45
CA ARG B 108 -10.88 6.49 48.48
C ARG B 108 -11.79 7.60 48.97
N THR B 109 -11.48 8.11 50.17
CA THR B 109 -12.20 9.26 50.71
C THR B 109 -12.23 10.39 49.69
N VAL B 110 -13.34 11.12 49.65
CA VAL B 110 -13.46 12.26 48.75
C VAL B 110 -12.47 13.33 49.16
N ALA B 111 -11.64 13.77 48.22
CA ALA B 111 -10.66 14.83 48.43
C ALA B 111 -10.88 15.92 47.40
N ALA B 112 -11.21 17.12 47.87
CA ALA B 112 -11.42 18.24 46.97
C ALA B 112 -10.08 18.66 46.34
N PRO B 113 -10.12 19.21 45.13
CA PRO B 113 -8.87 19.58 44.45
C PRO B 113 -8.30 20.88 44.97
N SER B 114 -6.97 20.98 44.85
CA SER B 114 -6.27 22.24 45.09
C SER B 114 -6.17 22.98 43.76
N VAL B 115 -6.82 24.15 43.69
CA VAL B 115 -6.97 24.88 42.44
C VAL B 115 -5.84 25.91 42.32
N PHE B 116 -5.12 25.85 41.20
CA PHE B 116 -4.07 26.80 40.88
C PHE B 116 -4.25 27.28 39.45
N ILE B 117 -4.00 28.57 39.23
CA ILE B 117 -4.07 29.17 37.90
C ILE B 117 -2.77 29.89 37.62
N PHE B 118 -2.29 29.79 36.38
CA PHE B 118 -1.03 30.40 35.97
C PHE B 118 -1.28 31.25 34.73
N PRO B 119 -0.97 32.54 34.76
CA PRO B 119 -1.16 33.38 33.56
C PRO B 119 -0.10 33.05 32.52
N PRO B 120 -0.23 33.57 31.30
CA PRO B 120 0.75 33.26 30.26
C PRO B 120 2.10 33.91 30.55
N SER B 121 3.15 33.21 30.15
CA SER B 121 4.51 33.66 30.40
C SER B 121 4.87 34.81 29.45
N ASP B 122 5.89 35.58 29.86
CA ASP B 122 6.36 36.68 29.02
C ASP B 122 7.15 36.18 27.83
N GLU B 123 7.86 35.05 27.98
CA GLU B 123 8.56 34.48 26.83
C GLU B 123 7.58 34.03 25.77
N GLN B 124 6.51 33.35 26.17
CA GLN B 124 5.51 32.89 25.21
C GLN B 124 4.80 34.07 24.55
N LEU B 125 4.41 35.07 25.34
CA LEU B 125 3.80 36.26 24.76
C LEU B 125 4.71 36.88 23.70
N LYS B 126 6.00 36.97 23.99
CA LYS B 126 6.95 37.44 22.98
C LYS B 126 6.90 36.58 21.73
N SER B 127 6.47 35.33 21.86
CA SER B 127 6.40 34.40 20.73
C SER B 127 5.06 34.41 20.02
N GLY B 128 4.11 35.22 20.47
CA GLY B 128 2.85 35.38 19.77
C GLY B 128 1.70 34.51 20.26
N THR B 129 1.90 33.75 21.34
CA THR B 129 0.86 32.88 21.87
C THR B 129 0.69 33.15 23.36
N ALA B 130 -0.52 32.90 23.85
CA ALA B 130 -0.85 33.05 25.26
C ALA B 130 -1.55 31.78 25.73
N SER B 131 -0.99 31.14 26.75
CA SER B 131 -1.51 29.89 27.28
C SER B 131 -1.72 30.04 28.79
N VAL B 132 -2.98 30.12 29.20
CA VAL B 132 -3.34 30.20 30.62
C VAL B 132 -3.59 28.78 31.11
N VAL B 133 -2.79 28.35 32.08
CA VAL B 133 -2.84 26.98 32.59
C VAL B 133 -3.55 26.99 33.94
N CYS B 134 -4.48 26.06 34.12
CA CYS B 134 -5.22 25.90 35.37
C CYS B 134 -5.01 24.47 35.87
N LEU B 135 -4.64 24.33 37.14
CA LEU B 135 -4.27 23.05 37.72
C LEU B 135 -5.24 22.66 38.83
N LEU B 136 -5.47 21.35 38.97
CA LEU B 136 -6.29 20.78 40.03
C LEU B 136 -5.50 19.61 40.60
N ASN B 137 -4.88 19.82 41.76
CA ASN B 137 -3.98 18.83 42.34
C ASN B 137 -4.72 17.85 43.24
N ASN B 138 -4.32 16.58 43.15
CA ASN B 138 -4.73 15.53 44.09
C ASN B 138 -6.20 15.65 44.50
N PHE B 139 -7.08 14.95 43.78
CA PHE B 139 -8.50 14.96 44.08
C PHE B 139 -9.11 13.63 43.70
N TYR B 140 -9.96 13.11 44.59
CA TYR B 140 -10.76 11.93 44.31
C TYR B 140 -12.22 12.25 44.61
N PRO B 141 -13.16 11.84 43.74
CA PRO B 141 -13.03 11.00 42.55
C PRO B 141 -12.42 11.69 41.33
N ARG B 142 -12.49 11.03 40.18
CA ARG B 142 -11.91 11.56 38.95
C ARG B 142 -12.81 12.57 38.25
N GLU B 143 -14.11 12.56 38.55
CA GLU B 143 -15.06 13.41 37.85
C GLU B 143 -14.93 14.84 38.36
N ALA B 144 -14.36 15.72 37.53
CA ALA B 144 -14.22 17.13 37.84
C ALA B 144 -14.50 17.94 36.59
N LYS B 145 -15.23 19.05 36.77
CA LYS B 145 -15.63 19.92 35.67
C LYS B 145 -14.85 21.23 35.75
N VAL B 146 -14.25 21.63 34.63
CA VAL B 146 -13.48 22.86 34.54
C VAL B 146 -14.12 23.75 33.48
N GLN B 147 -14.22 25.04 33.78
CA GLN B 147 -14.77 26.03 32.85
C GLN B 147 -13.83 27.22 32.76
N TRP B 148 -13.86 27.88 31.60
CA TRP B 148 -13.04 29.05 31.34
C TRP B 148 -13.96 30.24 31.06
N LYS B 149 -13.77 31.32 31.82
CA LYS B 149 -14.55 32.53 31.67
C LYS B 149 -13.60 33.71 31.50
N VAL B 150 -13.64 34.34 30.33
CA VAL B 150 -12.83 35.51 30.01
C VAL B 150 -13.76 36.71 29.99
N ASP B 151 -13.58 37.63 30.94
CA ASP B 151 -14.51 38.74 31.12
C ASP B 151 -15.93 38.22 31.25
N ASN B 152 -16.09 37.15 32.03
CA ASN B 152 -17.38 36.51 32.24
C ASN B 152 -17.98 35.97 30.94
N ALA B 153 -17.12 35.62 29.98
CA ALA B 153 -17.55 35.05 28.72
C ALA B 153 -17.25 33.55 28.72
N LEU B 154 -18.30 32.74 28.73
CA LEU B 154 -18.13 31.29 28.74
C LEU B 154 -17.37 30.86 27.49
N GLN B 155 -16.32 30.06 27.69
CA GLN B 155 -15.47 29.61 26.61
C GLN B 155 -15.87 28.22 26.14
N SER B 156 -15.47 27.88 24.91
CA SER B 156 -15.77 26.58 24.32
C SER B 156 -14.92 26.32 23.08
N GLY B 157 -14.32 25.12 23.01
CA GLY B 157 -13.56 24.73 21.85
C GLY B 157 -12.16 25.31 21.76
N ASN B 158 -11.75 26.12 22.73
CA ASN B 158 -10.43 26.76 22.73
C ASN B 158 -9.54 26.25 23.85
N SER B 159 -9.93 25.16 24.52
CA SER B 159 -9.18 24.63 25.65
C SER B 159 -8.96 23.13 25.48
N GLN B 160 -7.80 22.67 25.92
CA GLN B 160 -7.49 21.26 26.01
C GLN B 160 -7.21 20.90 27.47
N GLU B 161 -7.45 19.65 27.81
CA GLU B 161 -7.32 19.20 29.19
C GLU B 161 -6.77 17.79 29.23
N SER B 162 -5.94 17.52 30.24
CA SER B 162 -5.25 16.26 30.39
C SER B 162 -5.24 15.86 31.86
N VAL B 163 -5.46 14.56 32.11
CA VAL B 163 -5.54 14.04 33.46
C VAL B 163 -4.51 12.92 33.62
N THR B 164 -4.05 12.74 34.86
CA THR B 164 -3.09 11.70 35.20
C THR B 164 -3.80 10.44 35.69
N GLU B 165 -3.02 9.37 35.82
CA GLU B 165 -3.55 8.15 36.42
C GLU B 165 -3.57 8.28 37.94
N GLN B 166 -4.21 7.30 38.59
CA GLN B 166 -4.24 7.29 40.04
C GLN B 166 -2.82 7.32 40.61
N ASP B 167 -2.54 8.31 41.45
CA ASP B 167 -1.25 8.37 42.11
C ASP B 167 -1.03 7.10 42.93
N SER B 168 0.17 6.53 42.81
CA SER B 168 0.42 5.22 43.41
C SER B 168 0.34 5.24 44.93
N LYS B 169 0.36 6.42 45.55
CA LYS B 169 0.39 6.53 47.00
C LYS B 169 -0.94 7.02 47.58
N ASP B 170 -1.41 8.20 47.18
CA ASP B 170 -2.61 8.80 47.76
C ASP B 170 -3.86 8.53 46.93
N SER B 171 -3.76 7.76 45.85
CA SER B 171 -4.91 7.37 45.05
C SER B 171 -5.78 8.57 44.70
N THR B 172 -5.13 9.67 44.32
CA THR B 172 -5.81 10.87 43.86
C THR B 172 -5.37 11.21 42.44
N TYR B 173 -6.18 12.01 41.76
CA TYR B 173 -5.90 12.44 40.40
C TYR B 173 -5.47 13.89 40.39
N SER B 174 -5.03 14.34 39.22
CA SER B 174 -4.69 15.74 39.00
C SER B 174 -5.03 16.09 37.57
N LEU B 175 -5.66 17.25 37.37
CA LEU B 175 -6.13 17.68 36.07
C LEU B 175 -5.48 19.00 35.67
N SER B 176 -5.20 19.13 34.38
CA SER B 176 -4.61 20.35 33.82
C SER B 176 -5.48 20.81 32.66
N SER B 177 -5.83 22.09 32.66
CA SER B 177 -6.67 22.68 31.62
C SER B 177 -5.96 23.92 31.08
N THR B 178 -5.42 23.83 29.87
CA THR B 178 -4.69 24.91 29.25
C THR B 178 -5.60 25.63 28.26
N LEU B 179 -5.78 26.93 28.46
CA LEU B 179 -6.53 27.78 27.53
C LEU B 179 -5.53 28.54 26.67
N THR B 180 -5.57 28.30 25.37
CA THR B 180 -4.65 28.91 24.41
C THR B 180 -5.37 29.98 23.61
N LEU B 181 -4.70 31.12 23.42
CA LEU B 181 -5.25 32.24 22.68
C LEU B 181 -4.15 32.90 21.87
N SER B 182 -4.55 33.81 20.99
CA SER B 182 -3.61 34.68 20.31
C SER B 182 -3.27 35.85 21.22
N LYS B 183 -2.02 36.30 21.17
CA LYS B 183 -1.61 37.43 22.00
C LYS B 183 -2.53 38.64 21.78
N ALA B 184 -3.14 38.73 20.59
CA ALA B 184 -4.11 39.79 20.33
C ALA B 184 -5.34 39.61 21.22
N ASP B 185 -6.00 38.46 21.09
CA ASP B 185 -7.20 38.20 21.89
C ASP B 185 -6.92 38.33 23.38
N TYR B 186 -5.78 37.78 23.83
CA TYR B 186 -5.46 37.81 25.25
C TYR B 186 -5.39 39.24 25.78
N GLU B 187 -4.71 40.13 25.05
CA GLU B 187 -4.57 41.51 25.49
C GLU B 187 -5.84 42.33 25.29
N LYS B 188 -6.86 41.77 24.65
CA LYS B 188 -8.12 42.47 24.44
C LYS B 188 -9.12 42.24 25.56
N HIS B 189 -8.71 41.64 26.67
CA HIS B 189 -9.60 41.38 27.79
C HIS B 189 -8.84 41.57 29.09
N LYS B 190 -9.58 41.60 30.20
CA LYS B 190 -9.06 41.98 31.51
C LYS B 190 -9.00 40.78 32.45
N VAL B 191 -10.15 40.23 32.83
CA VAL B 191 -10.22 39.20 33.87
C VAL B 191 -10.35 37.83 33.20
N TYR B 192 -9.48 36.91 33.58
CA TYR B 192 -9.53 35.53 33.16
C TYR B 192 -9.75 34.66 34.38
N ALA B 193 -10.70 33.73 34.30
CA ALA B 193 -11.10 32.93 35.45
C ALA B 193 -11.16 31.45 35.08
N CYS B 194 -10.91 30.60 36.07
CA CYS B 194 -10.96 29.15 35.93
C CYS B 194 -11.91 28.63 37.01
N GLU B 195 -13.12 28.27 36.62
CA GLU B 195 -14.16 27.83 37.54
C GLU B 195 -14.21 26.31 37.58
N VAL B 196 -14.21 25.76 38.79
CA VAL B 196 -14.19 24.31 39.00
C VAL B 196 -15.42 23.91 39.79
N THR B 197 -15.98 22.75 39.44
CA THR B 197 -17.06 22.12 40.19
C THR B 197 -16.69 20.67 40.41
N HIS B 198 -16.67 20.25 41.68
CA HIS B 198 -16.26 18.89 42.03
C HIS B 198 -17.07 18.44 43.23
N GLN B 199 -17.17 17.11 43.38
CA GLN B 199 -18.00 16.55 44.44
C GLN B 199 -17.61 17.09 45.81
N GLY B 200 -16.31 17.30 46.03
CA GLY B 200 -15.81 17.79 47.30
C GLY B 200 -15.88 19.28 47.50
N LEU B 201 -16.58 20.01 46.64
CA LEU B 201 -16.70 21.46 46.73
C LEU B 201 -18.15 21.81 46.99
N SER B 202 -18.43 22.38 48.16
CA SER B 202 -19.79 22.79 48.49
C SER B 202 -20.31 23.83 47.51
N SER B 203 -19.43 24.66 46.95
CA SER B 203 -19.79 25.64 45.95
C SER B 203 -18.63 25.76 44.97
N PRO B 204 -18.89 26.14 43.72
CA PRO B 204 -17.81 26.20 42.72
C PRO B 204 -16.66 27.07 43.21
N VAL B 205 -15.44 26.66 42.85
CA VAL B 205 -14.23 27.37 43.21
C VAL B 205 -13.67 28.03 41.96
N THR B 206 -13.50 29.34 42.01
CA THR B 206 -12.94 30.12 40.91
C THR B 206 -11.54 30.58 41.27
N LYS B 207 -10.65 30.57 40.29
CA LYS B 207 -9.26 31.02 40.45
C LYS B 207 -8.94 31.91 39.27
N SER B 208 -9.06 33.23 39.45
CA SER B 208 -8.99 34.19 38.37
C SER B 208 -7.80 35.12 38.56
N PHE B 209 -7.61 36.02 37.59
CA PHE B 209 -6.54 37.01 37.65
C PHE B 209 -6.86 38.11 36.65
N ASN B 210 -6.41 39.32 36.97
CA ASN B 210 -6.51 40.43 36.03
C ASN B 210 -5.27 40.49 35.15
N ARG B 211 -5.46 40.85 33.88
CA ARG B 211 -4.32 40.99 32.99
C ARG B 211 -3.39 42.11 33.45
N GLY B 212 -3.94 43.16 34.06
CA GLY B 212 -3.14 44.25 34.58
C GLY B 212 -2.74 44.06 36.03
N LEU C 1 -13.03 -14.61 2.42
CA LEU C 1 -13.57 -14.08 3.66
C LEU C 1 -14.08 -15.24 4.52
N GLN C 2 -13.42 -16.39 4.40
CA GLN C 2 -13.76 -17.55 5.22
C GLN C 2 -13.35 -17.30 6.66
N LYS C 3 -14.01 -18.00 7.57
CA LYS C 3 -13.73 -17.89 9.00
C LYS C 3 -12.82 -19.02 9.45
N LEU C 4 -11.99 -18.73 10.45
CA LEU C 4 -11.12 -19.75 11.02
C LEU C 4 -11.96 -20.88 11.60
N ASN C 5 -11.67 -22.10 11.17
CA ASN C 5 -12.34 -23.30 11.64
C ASN C 5 -11.34 -24.23 12.31
N SER C 6 -11.88 -25.24 13.00
CA SER C 6 -11.01 -26.14 13.76
C SER C 6 -10.03 -26.88 12.85
N TRP C 7 -10.38 -27.09 11.58
CA TRP C 7 -9.45 -27.76 10.69
C TRP C 7 -8.25 -26.87 10.36
N ASP C 8 -8.48 -25.57 10.22
CA ASP C 8 -7.37 -24.65 10.05
C ASP C 8 -6.48 -24.62 11.29
N VAL C 9 -7.06 -24.82 12.46
CA VAL C 9 -6.29 -24.86 13.70
C VAL C 9 -5.56 -26.18 13.87
N PHE C 10 -5.96 -27.21 13.13
CA PHE C 10 -5.31 -28.51 13.15
C PHE C 10 -4.35 -28.71 11.99
N GLY C 11 -4.75 -28.29 10.79
CA GLY C 11 -3.87 -28.44 9.64
C GLY C 11 -2.56 -27.69 9.78
N ASN C 12 -2.59 -26.55 10.48
CA ASN C 12 -1.39 -25.77 10.72
C ASN C 12 -0.64 -26.20 11.97
N TRP C 13 -1.14 -27.21 12.69
CA TRP C 13 -0.51 -27.60 13.94
C TRP C 13 0.78 -28.37 13.70
N PHE C 14 0.75 -29.37 12.82
CA PHE C 14 1.97 -30.07 12.39
C PHE C 14 1.87 -30.30 10.89
N ASP C 15 2.73 -29.64 10.13
CA ASP C 15 2.63 -29.62 8.67
C ASP C 15 3.97 -29.17 8.10
N LEU C 16 4.04 -29.07 6.77
CA LEU C 16 5.26 -28.72 6.06
C LEU C 16 6.30 -29.82 6.24
N LEU D 1 15.00 -12.91 1.73
CA LEU D 1 15.67 -14.20 1.54
C LEU D 1 15.07 -14.93 0.34
N GLN D 2 15.70 -14.74 -0.83
CA GLN D 2 15.21 -15.34 -2.07
C GLN D 2 14.92 -16.83 -1.89
N LYS D 3 15.89 -17.57 -1.34
CA LYS D 3 15.70 -18.98 -1.01
C LYS D 3 15.06 -19.77 -2.16
N LEU D 4 13.81 -20.21 -1.97
CA LEU D 4 13.17 -21.16 -2.88
C LEU D 4 14.09 -22.35 -3.09
N ASN D 5 13.83 -23.45 -2.39
CA ASN D 5 14.61 -24.67 -2.50
C ASN D 5 13.68 -25.85 -2.79
N SER D 6 14.28 -26.94 -3.27
CA SER D 6 13.49 -28.12 -3.63
C SER D 6 12.64 -28.60 -2.45
N TRP D 7 13.13 -28.42 -1.22
CA TRP D 7 12.36 -28.86 -0.07
C TRP D 7 11.13 -27.99 0.17
N ASP D 8 11.22 -26.69 -0.12
CA ASP D 8 10.03 -25.85 -0.07
C ASP D 8 9.01 -26.31 -1.09
N VAL D 9 9.45 -26.82 -2.24
CA VAL D 9 8.53 -27.43 -3.19
C VAL D 9 7.89 -28.68 -2.58
N PHE D 10 8.67 -29.46 -1.85
CA PHE D 10 8.13 -30.63 -1.18
C PHE D 10 7.09 -30.23 -0.15
N GLY D 11 7.36 -29.15 0.60
CA GLY D 11 6.37 -28.65 1.54
C GLY D 11 5.12 -28.14 0.85
N ASN D 12 5.30 -27.41 -0.25
CA ASN D 12 4.16 -26.96 -1.04
C ASN D 12 3.37 -28.11 -1.66
N TRP D 13 3.89 -29.34 -1.59
CA TRP D 13 3.23 -30.50 -2.17
C TRP D 13 2.39 -31.28 -1.16
N PHE D 14 2.51 -30.98 0.14
CA PHE D 14 1.79 -31.71 1.17
C PHE D 14 1.09 -30.72 2.10
N ASP D 15 -0.18 -31.01 2.41
CA ASP D 15 -0.90 -30.24 3.42
C ASP D 15 -1.99 -31.12 4.02
N LEU D 16 -2.34 -30.84 5.25
CA LEU D 16 -3.36 -31.60 5.96
C LEU D 16 -4.75 -31.25 5.46
N GLN E 1 -7.39 -30.72 -17.13
CA GLN E 1 -8.09 -29.61 -17.84
C GLN E 1 -8.10 -28.35 -16.98
N VAL E 2 -7.17 -27.44 -17.23
CA VAL E 2 -6.99 -26.24 -16.43
C VAL E 2 -7.50 -25.03 -17.21
N GLN E 3 -7.90 -24.00 -16.47
CA GLN E 3 -8.45 -22.79 -17.08
C GLN E 3 -8.34 -21.66 -16.07
N LEU E 4 -7.62 -20.60 -16.42
CA LEU E 4 -7.42 -19.45 -15.56
C LEU E 4 -8.05 -18.21 -16.21
N GLN E 5 -8.58 -17.33 -15.38
CA GLN E 5 -9.28 -16.14 -15.85
C GLN E 5 -8.89 -14.96 -14.97
N GLU E 6 -8.34 -13.91 -15.58
CA GLU E 6 -8.02 -12.69 -14.86
C GLU E 6 -9.24 -11.79 -14.74
N SER E 7 -9.27 -11.02 -13.66
CA SER E 7 -10.31 -10.01 -13.47
C SER E 7 -9.75 -8.91 -12.58
N GLY E 8 -10.40 -7.75 -12.63
CA GLY E 8 -9.97 -6.61 -11.86
C GLY E 8 -10.09 -5.32 -12.65
N PRO E 9 -9.83 -4.19 -11.98
CA PRO E 9 -9.98 -2.90 -12.66
C PRO E 9 -8.95 -2.74 -13.78
N GLY E 10 -9.44 -2.36 -14.95
CA GLY E 10 -8.58 -2.07 -16.08
C GLY E 10 -7.96 -0.70 -16.06
N LEU E 11 -8.05 0.02 -14.95
CA LEU E 11 -7.53 1.37 -14.86
C LEU E 11 -7.46 1.84 -13.41
N VAL E 12 -6.27 2.21 -12.95
CA VAL E 12 -6.06 2.75 -11.62
C VAL E 12 -5.26 4.05 -11.75
N LYS E 13 -5.22 4.80 -10.67
CA LYS E 13 -4.50 6.06 -10.64
C LYS E 13 -3.16 5.91 -9.95
N PRO E 14 -2.23 6.83 -10.18
CA PRO E 14 -0.91 6.74 -9.52
C PRO E 14 -1.05 6.72 -8.01
N SER E 15 -0.17 5.95 -7.37
CA SER E 15 -0.03 5.92 -5.91
C SER E 15 -1.10 5.07 -5.24
N GLU E 16 -2.24 4.88 -5.90
CA GLU E 16 -3.28 4.03 -5.35
C GLU E 16 -2.81 2.57 -5.33
N THR E 17 -3.63 1.71 -4.75
CA THR E 17 -3.34 0.28 -4.66
C THR E 17 -4.05 -0.45 -5.78
N LEU E 18 -3.28 -1.21 -6.57
CA LEU E 18 -3.85 -2.07 -7.60
C LEU E 18 -4.13 -3.45 -7.02
N SER E 19 -5.30 -3.99 -7.35
CA SER E 19 -5.69 -5.32 -6.89
C SER E 19 -6.28 -6.09 -8.06
N LEU E 20 -5.82 -7.32 -8.26
CA LEU E 20 -6.26 -8.16 -9.37
C LEU E 20 -6.50 -9.57 -8.85
N THR E 21 -7.42 -10.28 -9.49
CA THR E 21 -7.82 -11.61 -9.07
C THR E 21 -7.70 -12.58 -10.25
N CYS E 22 -7.49 -13.85 -9.93
CA CYS E 22 -7.34 -14.91 -10.93
C CYS E 22 -8.12 -16.12 -10.46
N ALA E 23 -9.26 -16.37 -11.11
CA ALA E 23 -10.07 -17.54 -10.78
C ALA E 23 -9.53 -18.77 -11.50
N VAL E 24 -9.58 -19.90 -10.82
CA VAL E 24 -9.04 -21.16 -11.32
C VAL E 24 -10.15 -22.19 -11.36
N SER E 25 -10.23 -22.93 -12.46
CA SER E 25 -11.19 -24.01 -12.63
C SER E 25 -10.50 -25.21 -13.25
N GLY E 26 -10.91 -26.40 -12.84
CA GLY E 26 -10.30 -27.63 -13.29
C GLY E 26 -9.20 -28.15 -12.40
N ASP E 27 -8.75 -27.36 -11.43
CA ASP E 27 -7.74 -27.80 -10.47
C ASP E 27 -7.98 -27.08 -9.15
N SER E 28 -7.29 -27.54 -8.11
CA SER E 28 -7.43 -26.98 -6.77
C SER E 28 -6.30 -25.99 -6.51
N ILE E 29 -6.65 -24.87 -5.86
CA ILE E 29 -5.63 -23.94 -5.42
C ILE E 29 -4.68 -24.61 -4.44
N SER E 30 -5.23 -25.37 -3.49
CA SER E 30 -4.43 -26.10 -2.51
C SER E 30 -3.83 -27.33 -3.20
N SER E 31 -2.71 -27.10 -3.89
CA SER E 31 -2.00 -28.18 -4.56
C SER E 31 -0.55 -27.75 -4.76
N GLY E 32 0.27 -28.70 -5.20
CA GLY E 32 1.69 -28.47 -5.37
C GLY E 32 2.07 -27.47 -6.43
N ASN E 33 1.10 -26.93 -7.17
CA ASN E 33 1.40 -25.96 -8.20
C ASN E 33 1.68 -24.59 -7.58
N TRP E 34 2.66 -23.88 -8.16
CA TRP E 34 3.01 -22.53 -7.72
C TRP E 34 2.32 -21.53 -8.65
N TRP E 35 1.27 -20.89 -8.17
CA TRP E 35 0.52 -19.94 -8.97
C TRP E 35 1.27 -18.62 -9.07
N THR E 36 1.37 -18.08 -10.27
CA THR E 36 2.30 -17.01 -10.59
C THR E 36 1.59 -15.83 -11.23
N TRP E 37 2.18 -14.64 -11.09
CA TRP E 37 1.70 -13.42 -11.72
C TRP E 37 2.79 -12.89 -12.64
N ILE E 38 2.42 -12.61 -13.89
CA ILE E 38 3.34 -12.10 -14.90
C ILE E 38 2.76 -10.82 -15.48
N ARG E 39 3.61 -9.83 -15.74
CA ARG E 39 3.20 -8.61 -16.40
C ARG E 39 4.12 -8.34 -17.58
N GLN E 40 3.59 -7.65 -18.59
CA GLN E 40 4.31 -7.37 -19.83
C GLN E 40 3.97 -5.95 -20.28
N PRO E 41 4.83 -4.98 -20.03
CA PRO E 41 4.54 -3.60 -20.46
C PRO E 41 4.27 -3.54 -21.95
N PRO E 42 3.64 -2.45 -22.42
CA PRO E 42 3.34 -2.35 -23.85
C PRO E 42 4.60 -2.25 -24.68
N GLY E 43 4.85 -3.26 -25.51
CA GLY E 43 6.01 -3.24 -26.38
C GLY E 43 7.29 -3.72 -25.74
N LYS E 44 7.20 -4.57 -24.71
CA LYS E 44 8.37 -5.11 -24.04
C LYS E 44 8.12 -6.59 -23.73
N GLY E 45 9.13 -7.23 -23.16
CA GLY E 45 9.07 -8.65 -22.89
C GLY E 45 8.36 -8.97 -21.59
N LEU E 46 8.50 -10.22 -21.18
CA LEU E 46 7.84 -10.74 -19.99
C LEU E 46 8.66 -10.45 -18.74
N GLU E 47 7.96 -10.23 -17.63
CA GLU E 47 8.59 -9.94 -16.34
C GLU E 47 7.92 -10.80 -15.29
N TRP E 48 8.70 -11.62 -14.60
CA TRP E 48 8.20 -12.49 -13.54
C TRP E 48 8.06 -11.67 -12.26
N ILE E 49 6.82 -11.57 -11.76
CA ILE E 49 6.53 -10.74 -10.60
C ILE E 49 6.67 -11.56 -9.33
N GLY E 50 5.88 -12.61 -9.20
CA GLY E 50 5.94 -13.44 -8.01
C GLY E 50 5.04 -14.65 -8.13
N ASN E 51 5.27 -15.61 -7.24
CA ASN E 51 4.45 -16.81 -7.16
C ASN E 51 4.19 -17.14 -5.70
N ILE E 52 3.33 -18.13 -5.47
CA ILE E 52 2.96 -18.55 -4.13
C ILE E 52 2.59 -20.02 -4.16
N GLY E 53 3.00 -20.75 -3.12
CA GLY E 53 2.68 -22.17 -3.03
C GLY E 53 1.26 -22.37 -2.53
N GLY E 54 0.48 -23.15 -3.29
CA GLY E 54 -0.91 -23.35 -2.93
C GLY E 54 -1.11 -23.98 -1.58
N ASN E 55 -0.12 -24.73 -1.09
CA ASN E 55 -0.19 -25.40 0.20
C ASN E 55 0.81 -24.87 1.20
N SER E 56 2.07 -24.67 0.80
CA SER E 56 3.05 -24.12 1.72
C SER E 56 2.65 -22.74 2.21
N GLY E 57 2.02 -21.95 1.35
CA GLY E 57 1.62 -20.60 1.69
C GLY E 57 2.73 -19.58 1.59
N THR E 58 3.97 -20.00 1.32
CA THR E 58 5.08 -19.07 1.24
C THR E 58 5.07 -18.35 -0.10
N THR E 59 5.54 -17.11 -0.08
CA THR E 59 5.53 -16.24 -1.26
C THR E 59 6.94 -15.85 -1.65
N PHE E 60 7.15 -15.69 -2.96
CA PHE E 60 8.40 -15.21 -3.51
C PHE E 60 8.09 -14.12 -4.53
N TYR E 61 8.94 -13.10 -4.57
CA TYR E 61 8.70 -11.92 -5.39
C TYR E 61 9.95 -11.55 -6.19
N ASN E 62 9.78 -10.60 -7.08
CA ASN E 62 10.91 -10.01 -7.81
C ASN E 62 11.66 -9.06 -6.88
N PRO E 63 12.97 -9.18 -6.75
CA PRO E 63 13.68 -8.32 -5.79
C PRO E 63 13.50 -6.83 -6.04
N SER E 64 13.23 -6.43 -7.29
CA SER E 64 13.03 -5.03 -7.61
C SER E 64 11.64 -4.52 -7.21
N LEU E 65 10.78 -5.39 -6.71
CA LEU E 65 9.41 -5.00 -6.40
C LEU E 65 8.87 -5.60 -5.10
N LYS E 66 9.70 -6.34 -4.34
CA LYS E 66 9.19 -7.07 -3.19
C LYS E 66 8.51 -6.16 -2.18
N SER E 67 8.92 -4.89 -2.11
CA SER E 67 8.38 -3.99 -1.10
C SER E 67 6.96 -3.53 -1.41
N ARG E 68 6.51 -3.66 -2.66
CA ARG E 68 5.20 -3.17 -3.06
C ARG E 68 4.19 -4.27 -3.37
N VAL E 69 4.62 -5.52 -3.44
CA VAL E 69 3.78 -6.60 -3.96
C VAL E 69 3.29 -7.45 -2.80
N THR E 70 2.06 -7.97 -2.96
CA THR E 70 1.45 -8.88 -1.99
C THR E 70 0.62 -9.90 -2.75
N ILE E 71 0.92 -11.18 -2.55
CA ILE E 71 0.18 -12.27 -3.16
C ILE E 71 -0.54 -13.04 -2.06
N SER E 72 -1.77 -13.46 -2.34
CA SER E 72 -2.59 -14.19 -1.38
C SER E 72 -3.27 -15.35 -2.09
N ARG E 73 -4.07 -16.10 -1.32
CA ARG E 73 -4.77 -17.25 -1.85
C ARG E 73 -6.10 -17.38 -1.13
N ASP E 74 -7.04 -18.07 -1.78
CA ASP E 74 -8.38 -18.30 -1.23
C ASP E 74 -8.80 -19.71 -1.61
N THR E 75 -8.76 -20.62 -0.63
CA THR E 75 -9.00 -22.03 -0.93
C THR E 75 -10.46 -22.29 -1.28
N SER E 76 -11.39 -21.48 -0.76
CA SER E 76 -12.81 -21.75 -0.96
C SER E 76 -13.23 -21.40 -2.39
N LYS E 77 -12.83 -20.23 -2.87
CA LYS E 77 -13.28 -19.72 -4.16
C LYS E 77 -12.39 -20.16 -5.32
N ASN E 78 -11.34 -20.93 -5.06
CA ASN E 78 -10.42 -21.39 -6.11
C ASN E 78 -9.77 -20.21 -6.81
N GLN E 79 -9.29 -19.25 -6.02
CA GLN E 79 -8.71 -18.02 -6.54
C GLN E 79 -7.39 -17.71 -5.84
N PHE E 80 -6.63 -16.81 -6.44
CA PHE E 80 -5.49 -16.18 -5.80
C PHE E 80 -5.41 -14.75 -6.31
N SER E 81 -4.77 -13.88 -5.52
CA SER E 81 -4.83 -12.45 -5.75
C SER E 81 -3.43 -11.84 -5.72
N LEU E 82 -3.34 -10.63 -6.27
CA LEU E 82 -2.13 -9.82 -6.26
C LEU E 82 -2.49 -8.40 -5.85
N LYS E 83 -1.61 -7.76 -5.09
CA LYS E 83 -1.79 -6.37 -4.68
C LYS E 83 -0.49 -5.62 -4.91
N VAL E 84 -0.56 -4.53 -5.66
CA VAL E 84 0.59 -3.68 -5.95
C VAL E 84 0.30 -2.32 -5.34
N ASN E 85 0.89 -2.05 -4.18
CA ASN E 85 0.67 -0.79 -3.48
C ASN E 85 1.56 0.31 -4.06
N SER E 86 1.13 1.55 -3.82
CA SER E 86 1.85 2.74 -4.29
C SER E 86 2.26 2.58 -5.76
N VAL E 87 1.24 2.42 -6.61
CA VAL E 87 1.49 2.19 -8.03
C VAL E 87 2.03 3.46 -8.68
N THR E 88 2.80 3.28 -9.75
CA THR E 88 3.38 4.39 -10.51
C THR E 88 2.95 4.30 -11.96
N VAL E 89 3.21 5.38 -12.70
CA VAL E 89 2.79 5.45 -14.10
C VAL E 89 3.48 4.36 -14.92
N ALA E 90 4.71 3.99 -14.55
CA ALA E 90 5.48 2.99 -15.30
C ALA E 90 4.98 1.57 -15.09
N ASP E 91 3.84 1.36 -14.42
CA ASP E 91 3.32 0.02 -14.17
C ASP E 91 2.23 -0.39 -15.16
N THR E 92 1.91 0.47 -16.13
CA THR E 92 0.94 0.10 -17.16
C THR E 92 1.43 -1.12 -17.92
N ALA E 93 0.65 -2.19 -17.89
CA ALA E 93 1.07 -3.45 -18.51
C ALA E 93 -0.11 -4.41 -18.54
N VAL E 94 0.07 -5.50 -19.27
CA VAL E 94 -0.87 -6.62 -19.28
C VAL E 94 -0.42 -7.63 -18.23
N TYR E 95 -1.31 -7.93 -17.29
CA TYR E 95 -0.97 -8.78 -16.15
C TYR E 95 -1.56 -10.18 -16.38
N PHE E 96 -0.68 -11.16 -16.54
CA PHE E 96 -1.07 -12.55 -16.70
C PHE E 96 -0.99 -13.27 -15.36
N CYS E 97 -1.89 -14.24 -15.17
CA CYS E 97 -1.80 -15.18 -14.06
C CYS E 97 -1.66 -16.58 -14.64
N ALA E 98 -0.63 -17.30 -14.21
CA ALA E 98 -0.27 -18.58 -14.78
C ALA E 98 -0.04 -19.60 -13.69
N ARG E 99 -0.10 -20.88 -14.06
CA ARG E 99 0.11 -22.00 -13.16
C ARG E 99 1.51 -22.55 -13.41
N HIS E 100 2.40 -22.35 -12.45
CA HIS E 100 3.77 -22.88 -12.53
C HIS E 100 3.75 -24.30 -11.99
N SER E 101 3.54 -25.26 -12.89
CA SER E 101 3.48 -26.67 -12.50
C SER E 101 4.73 -27.04 -11.71
N SER E 102 4.67 -28.16 -10.99
CA SER E 102 5.76 -28.55 -10.10
C SER E 102 5.92 -30.06 -10.13
N GLY E 103 7.16 -30.52 -10.09
CA GLY E 103 7.48 -31.92 -9.94
C GLY E 103 7.55 -32.32 -8.49
N TRP E 104 8.28 -33.40 -8.23
CA TRP E 104 8.43 -33.86 -6.85
C TRP E 104 9.40 -33.00 -6.07
N PHE E 105 10.50 -32.58 -6.70
CA PHE E 105 11.49 -31.74 -6.06
C PHE E 105 11.98 -30.58 -6.91
N SER E 106 11.56 -30.48 -8.18
CA SER E 106 11.95 -29.39 -9.05
C SER E 106 10.72 -28.83 -9.73
N LEU E 107 10.87 -27.65 -10.31
CA LEU E 107 9.78 -26.99 -11.03
C LEU E 107 9.85 -27.31 -12.52
N TYR E 108 8.68 -27.31 -13.16
CA TYR E 108 8.59 -27.50 -14.61
C TYR E 108 8.44 -26.13 -15.29
N GLY E 109 7.30 -25.91 -15.95
CA GLY E 109 7.06 -24.66 -16.63
C GLY E 109 5.63 -24.19 -16.44
N LEU E 110 5.34 -23.01 -16.99
CA LEU E 110 4.01 -22.40 -16.93
C LEU E 110 3.21 -22.94 -18.10
N ASP E 111 2.52 -24.06 -17.88
CA ASP E 111 1.78 -24.73 -18.94
C ASP E 111 0.36 -24.22 -19.11
N SER E 112 -0.15 -23.44 -18.15
CA SER E 112 -1.49 -22.87 -18.24
C SER E 112 -1.41 -21.38 -17.91
N TRP E 113 -1.96 -20.56 -18.80
CA TRP E 113 -1.96 -19.11 -18.64
C TRP E 113 -3.39 -18.59 -18.77
N GLY E 114 -3.56 -17.32 -18.40
CA GLY E 114 -4.80 -16.61 -18.64
C GLY E 114 -4.65 -15.64 -19.80
N GLN E 115 -5.77 -15.27 -20.41
CA GLN E 115 -5.71 -14.37 -21.55
C GLN E 115 -5.05 -13.05 -21.21
N GLY E 116 -4.99 -12.69 -19.93
CA GLY E 116 -4.41 -11.45 -19.49
C GLY E 116 -5.47 -10.41 -19.18
N VAL E 117 -5.03 -9.35 -18.50
CA VAL E 117 -5.90 -8.22 -18.15
C VAL E 117 -5.07 -6.95 -18.26
N VAL E 118 -5.52 -6.02 -19.09
CA VAL E 118 -4.83 -4.75 -19.27
C VAL E 118 -5.16 -3.83 -18.10
N VAL E 119 -4.14 -3.17 -17.55
CA VAL E 119 -4.31 -2.26 -16.43
C VAL E 119 -3.42 -1.05 -16.68
N THR E 120 -4.04 0.09 -16.94
CA THR E 120 -3.33 1.34 -17.20
C THR E 120 -3.22 2.14 -15.91
N VAL E 121 -2.10 2.83 -15.74
CA VAL E 121 -1.88 3.73 -14.61
C VAL E 121 -1.69 5.13 -15.18
N SER E 122 -2.68 5.99 -14.99
CA SER E 122 -2.61 7.35 -15.52
C SER E 122 -3.61 8.20 -14.76
N SER E 123 -3.32 9.50 -14.70
CA SER E 123 -4.19 10.46 -14.03
C SER E 123 -5.27 11.03 -14.95
N ALA E 124 -5.23 10.71 -16.24
CA ALA E 124 -6.20 11.23 -17.19
C ALA E 124 -7.54 10.51 -17.03
N SER E 125 -8.60 11.19 -17.47
CA SER E 125 -9.95 10.65 -17.42
C SER E 125 -10.37 10.17 -18.81
N THR E 126 -11.50 9.48 -18.85
CA THR E 126 -11.99 8.95 -20.11
C THR E 126 -12.39 10.06 -21.06
N LYS E 127 -12.11 9.88 -22.35
CA LYS E 127 -12.44 10.86 -23.36
C LYS E 127 -12.79 10.14 -24.66
N GLY E 128 -13.75 10.69 -25.39
CA GLY E 128 -14.11 10.17 -26.69
C GLY E 128 -13.20 10.69 -27.77
N PRO E 129 -12.98 9.90 -28.82
CA PRO E 129 -11.98 10.28 -29.83
C PRO E 129 -12.49 11.33 -30.81
N SER E 130 -11.57 12.18 -31.23
CA SER E 130 -11.83 13.14 -32.30
C SER E 130 -11.36 12.52 -33.62
N VAL E 131 -12.28 12.40 -34.57
CA VAL E 131 -12.02 11.73 -35.83
C VAL E 131 -11.81 12.80 -36.90
N PHE E 132 -10.67 12.73 -37.59
CA PHE E 132 -10.34 13.66 -38.67
C PHE E 132 -9.99 12.87 -39.92
N PRO E 133 -10.43 13.32 -41.09
CA PRO E 133 -10.06 12.63 -42.34
C PRO E 133 -8.68 13.03 -42.81
N LEU E 134 -7.96 12.04 -43.35
CA LEU E 134 -6.64 12.26 -43.97
C LEU E 134 -6.85 12.08 -45.47
N ALA E 135 -7.09 13.19 -46.16
CA ALA E 135 -7.50 13.14 -47.56
C ALA E 135 -6.31 12.97 -48.49
N PRO E 136 -6.52 12.39 -49.67
CA PRO E 136 -5.43 12.25 -50.63
C PRO E 136 -5.13 13.57 -51.35
N SER E 137 -3.95 13.62 -51.94
CA SER E 137 -3.49 14.80 -52.66
C SER E 137 -2.61 14.34 -53.81
N SER E 138 -2.00 15.30 -54.51
CA SER E 138 -1.10 14.96 -55.61
C SER E 138 0.11 14.18 -55.13
N LYS E 139 0.46 14.30 -53.85
CA LYS E 139 1.57 13.55 -53.28
C LYS E 139 1.16 12.15 -52.82
N SER E 140 -0.14 11.88 -52.69
CA SER E 140 -0.64 10.58 -52.28
C SER E 140 -1.27 9.83 -53.44
N THR E 141 -0.87 10.15 -54.67
CA THR E 141 -1.37 9.49 -55.88
C THR E 141 -0.16 9.06 -56.71
N SER E 142 0.32 7.85 -56.47
CA SER E 142 1.45 7.28 -57.20
C SER E 142 0.99 6.79 -58.57
N GLY E 143 0.57 7.74 -59.40
CA GLY E 143 0.00 7.41 -60.70
C GLY E 143 -1.37 6.80 -60.53
N GLY E 144 -1.41 5.48 -60.34
CA GLY E 144 -2.64 4.81 -59.98
C GLY E 144 -2.80 4.72 -58.47
N THR E 145 -3.96 4.23 -58.05
CA THR E 145 -4.28 4.08 -56.63
C THR E 145 -4.52 5.43 -55.97
N ALA E 146 -4.90 5.42 -54.70
CA ALA E 146 -5.17 6.64 -53.96
C ALA E 146 -5.34 6.33 -52.48
N ALA E 147 -4.49 6.89 -51.63
CA ALA E 147 -4.45 6.56 -50.22
C ALA E 147 -5.24 7.58 -49.40
N LEU E 148 -6.03 7.08 -48.46
CA LEU E 148 -6.80 7.91 -47.55
C LEU E 148 -6.79 7.26 -46.17
N GLY E 149 -7.42 7.92 -45.21
CA GLY E 149 -7.45 7.38 -43.87
C GLY E 149 -8.12 8.34 -42.91
N CYS E 150 -8.19 7.90 -41.66
CA CYS E 150 -8.80 8.68 -40.58
C CYS E 150 -7.83 8.76 -39.40
N LEU E 151 -7.72 9.94 -38.81
CA LEU E 151 -6.83 10.18 -37.68
C LEU E 151 -7.67 10.25 -36.42
N VAL E 152 -7.75 9.13 -35.71
CA VAL E 152 -8.45 9.06 -34.43
C VAL E 152 -7.51 9.61 -33.36
N LYS E 153 -7.84 10.78 -32.82
CA LYS E 153 -6.93 11.53 -31.97
C LYS E 153 -7.63 12.02 -30.71
N ASP E 154 -6.84 12.22 -29.65
CA ASP E 154 -7.33 12.73 -28.38
C ASP E 154 -8.42 11.85 -27.80
N TYR E 155 -8.02 10.70 -27.24
CA TYR E 155 -8.96 9.81 -26.56
C TYR E 155 -8.21 9.10 -25.44
N PHE E 156 -8.98 8.53 -24.52
CA PHE E 156 -8.41 7.81 -23.39
C PHE E 156 -9.49 7.06 -22.64
N PRO E 157 -9.20 5.84 -22.15
CA PRO E 157 -8.00 5.02 -22.35
C PRO E 157 -8.15 4.13 -23.58
N GLU E 158 -7.11 3.40 -23.97
CA GLU E 158 -7.26 2.39 -25.00
C GLU E 158 -8.34 1.40 -24.59
N PRO E 159 -8.85 0.59 -25.53
CA PRO E 159 -8.55 0.56 -26.96
C PRO E 159 -9.63 1.23 -27.81
N VAL E 160 -9.44 1.27 -29.13
CA VAL E 160 -10.43 1.78 -30.06
C VAL E 160 -10.42 0.90 -31.30
N THR E 161 -11.61 0.52 -31.76
CA THR E 161 -11.78 -0.26 -32.97
C THR E 161 -12.26 0.62 -34.12
N VAL E 162 -11.81 0.30 -35.33
CA VAL E 162 -12.09 1.09 -36.52
C VAL E 162 -12.57 0.16 -37.63
N SER E 163 -13.70 0.51 -38.24
CA SER E 163 -14.24 -0.22 -39.37
C SER E 163 -14.53 0.76 -40.50
N TRP E 164 -14.53 0.24 -41.73
CA TRP E 164 -14.74 1.04 -42.93
C TRP E 164 -16.04 0.61 -43.59
N ASN E 165 -16.95 1.56 -43.79
CA ASN E 165 -18.24 1.31 -44.41
C ASN E 165 -18.94 0.11 -43.73
N SER E 166 -19.04 0.18 -42.41
CA SER E 166 -19.64 -0.86 -41.59
C SER E 166 -18.89 -2.18 -41.70
N GLY E 167 -17.61 -2.14 -42.04
CA GLY E 167 -16.80 -3.33 -42.16
C GLY E 167 -16.78 -3.98 -43.52
N ALA E 168 -17.36 -3.34 -44.54
CA ALA E 168 -17.39 -3.93 -45.87
C ALA E 168 -16.02 -3.83 -46.55
N LEU E 169 -15.33 -2.71 -46.36
CA LEU E 169 -14.00 -2.52 -46.95
C LEU E 169 -12.97 -3.16 -46.03
N THR E 170 -12.17 -4.07 -46.59
CA THR E 170 -11.17 -4.79 -45.81
C THR E 170 -9.82 -4.94 -46.49
N SER E 171 -9.73 -4.84 -47.81
CA SER E 171 -8.46 -5.07 -48.50
C SER E 171 -7.61 -3.80 -48.52
N GLY E 172 -6.38 -3.93 -48.04
CA GLY E 172 -5.42 -2.85 -48.11
C GLY E 172 -5.44 -1.88 -46.94
N VAL E 173 -6.12 -2.22 -45.86
CA VAL E 173 -6.23 -1.33 -44.70
C VAL E 173 -5.08 -1.60 -43.75
N HIS E 174 -4.53 -0.53 -43.18
CA HIS E 174 -3.45 -0.63 -42.18
C HIS E 174 -3.79 0.32 -41.04
N THR E 175 -4.14 -0.25 -39.88
CA THR E 175 -4.40 0.53 -38.67
C THR E 175 -3.15 0.50 -37.79
N PHE E 176 -2.57 1.66 -37.56
CA PHE E 176 -1.28 1.76 -36.89
C PHE E 176 -1.42 1.79 -35.38
N PRO E 177 -0.37 1.44 -34.65
CA PRO E 177 -0.46 1.49 -33.18
C PRO E 177 -0.68 2.90 -32.68
N ALA E 178 -1.50 3.03 -31.64
CA ALA E 178 -1.73 4.32 -31.01
C ALA E 178 -0.52 4.73 -30.19
N VAL E 179 -0.27 6.03 -30.15
CA VAL E 179 0.87 6.61 -29.43
C VAL E 179 0.35 7.40 -28.24
N LEU E 180 0.98 7.22 -27.09
CA LEU E 180 0.64 7.97 -25.88
C LEU E 180 1.45 9.26 -25.89
N GLN E 181 0.76 10.37 -26.17
CA GLN E 181 1.41 11.66 -26.28
C GLN E 181 1.73 12.21 -24.89
N SER E 182 2.55 13.27 -24.87
CA SER E 182 2.87 13.94 -23.62
C SER E 182 1.63 14.46 -22.90
N SER E 183 0.52 14.62 -23.62
CA SER E 183 -0.74 15.05 -23.02
C SER E 183 -1.41 13.95 -22.22
N GLY E 184 -0.87 12.73 -22.23
CA GLY E 184 -1.50 11.60 -21.58
C GLY E 184 -2.56 10.89 -22.39
N LEU E 185 -3.07 11.52 -23.44
CA LEU E 185 -4.07 10.90 -24.30
C LEU E 185 -3.40 10.08 -25.40
N TYR E 186 -4.23 9.36 -26.15
CA TYR E 186 -3.77 8.52 -27.25
C TYR E 186 -4.20 9.10 -28.58
N SER E 187 -3.57 8.60 -29.64
CA SER E 187 -3.88 9.02 -31.01
C SER E 187 -3.30 8.00 -31.97
N LEU E 188 -4.08 7.65 -33.00
CA LEU E 188 -3.64 6.69 -34.00
C LEU E 188 -4.15 7.12 -35.36
N SER E 189 -3.71 6.39 -36.39
CA SER E 189 -4.11 6.64 -37.76
C SER E 189 -4.45 5.32 -38.44
N SER E 190 -5.53 5.32 -39.22
CA SER E 190 -5.99 4.13 -39.93
C SER E 190 -6.17 4.51 -41.40
N VAL E 191 -5.31 3.96 -42.26
CA VAL E 191 -5.28 4.33 -43.67
C VAL E 191 -5.72 3.13 -44.51
N VAL E 192 -5.99 3.40 -45.79
CA VAL E 192 -6.35 2.37 -46.74
C VAL E 192 -6.07 2.89 -48.15
N THR E 193 -5.36 2.10 -48.95
CA THR E 193 -5.03 2.45 -50.32
C THR E 193 -6.05 1.80 -51.26
N VAL E 194 -6.58 2.59 -52.18
CA VAL E 194 -7.62 2.12 -53.10
C VAL E 194 -7.39 2.72 -54.48
N PRO E 195 -8.04 2.22 -55.53
CA PRO E 195 -7.88 2.82 -56.86
C PRO E 195 -8.38 4.26 -56.87
N SER E 196 -7.71 5.09 -57.67
CA SER E 196 -8.11 6.48 -57.81
C SER E 196 -9.48 6.60 -58.48
N SER E 197 -9.82 5.66 -59.35
CA SER E 197 -11.12 5.67 -60.00
C SER E 197 -12.26 5.32 -59.05
N SER E 198 -11.97 4.59 -57.97
CA SER E 198 -13.00 4.21 -57.01
C SER E 198 -13.60 5.42 -56.29
N LEU E 199 -12.99 6.59 -56.38
CA LEU E 199 -13.53 7.77 -55.72
C LEU E 199 -14.83 8.24 -56.34
N GLY E 200 -15.10 7.88 -57.60
CA GLY E 200 -16.26 8.40 -58.30
C GLY E 200 -17.49 7.52 -58.20
N THR E 201 -17.31 6.25 -57.84
CA THR E 201 -18.40 5.30 -57.74
C THR E 201 -18.63 4.77 -56.33
N GLN E 202 -17.59 4.62 -55.53
CA GLN E 202 -17.70 4.12 -54.16
C GLN E 202 -17.55 5.27 -53.17
N THR E 203 -18.09 5.05 -51.97
CA THR E 203 -18.00 6.00 -50.88
C THR E 203 -17.12 5.44 -49.78
N TYR E 204 -16.36 6.32 -49.13
CA TYR E 204 -15.42 5.92 -48.09
C TYR E 204 -15.76 6.63 -46.79
N ILE E 205 -16.08 5.84 -45.76
CA ILE E 205 -16.39 6.36 -44.43
C ILE E 205 -15.81 5.42 -43.40
N CYS E 206 -15.09 5.97 -42.43
CA CYS E 206 -14.49 5.20 -41.34
C CYS E 206 -15.39 5.29 -40.12
N ASN E 207 -15.65 4.15 -39.49
CA ASN E 207 -16.51 4.07 -38.32
C ASN E 207 -15.65 3.74 -37.11
N VAL E 208 -15.50 4.72 -36.21
CA VAL E 208 -14.70 4.57 -35.00
C VAL E 208 -15.61 4.18 -33.85
N ASN E 209 -15.11 3.32 -32.96
CA ASN E 209 -15.87 2.85 -31.80
C ASN E 209 -14.95 2.86 -30.58
N HIS E 210 -15.21 3.76 -29.64
CA HIS E 210 -14.47 3.86 -28.39
C HIS E 210 -15.47 3.59 -27.26
N LYS E 211 -15.58 2.33 -26.87
CA LYS E 211 -16.56 1.92 -25.87
C LYS E 211 -16.27 2.49 -24.49
N PRO E 212 -15.00 2.64 -24.08
CA PRO E 212 -14.75 3.28 -22.77
C PRO E 212 -15.51 4.57 -22.56
N SER E 213 -15.83 5.29 -23.62
CA SER E 213 -16.64 6.50 -23.55
C SER E 213 -18.03 6.31 -24.15
N ASN E 214 -18.34 5.12 -24.66
CA ASN E 214 -19.61 4.86 -25.33
C ASN E 214 -19.78 5.81 -26.51
N THR E 215 -18.77 5.85 -27.39
CA THR E 215 -18.70 6.78 -28.49
C THR E 215 -18.62 6.03 -29.81
N LYS E 216 -19.39 6.51 -30.80
CA LYS E 216 -19.38 5.97 -32.15
C LYS E 216 -19.37 7.13 -33.12
N VAL E 217 -18.29 7.27 -33.89
CA VAL E 217 -18.10 8.39 -34.79
C VAL E 217 -17.87 7.86 -36.20
N ASP E 218 -18.31 8.66 -37.18
CA ASP E 218 -18.12 8.35 -38.60
C ASP E 218 -17.74 9.64 -39.31
N LYS E 219 -16.66 9.61 -40.10
CA LYS E 219 -16.11 10.82 -40.68
C LYS E 219 -15.52 10.54 -42.06
N ARG E 220 -16.42 10.31 -43.02
CA ARG E 220 -16.10 10.30 -44.45
C ARG E 220 -14.61 10.18 -44.78
N ASP F 1 19.17 -12.23 -8.85
CA ASP F 1 19.74 -11.11 -9.64
C ASP F 1 20.41 -11.61 -10.92
N ILE F 2 20.03 -12.82 -11.34
CA ILE F 2 20.52 -13.36 -12.60
C ILE F 2 20.19 -12.39 -13.72
N GLN F 3 21.16 -12.17 -14.61
CA GLN F 3 21.00 -11.27 -15.75
C GLN F 3 21.00 -12.13 -17.01
N MET F 4 19.83 -12.62 -17.39
CA MET F 4 19.69 -13.50 -18.55
C MET F 4 19.55 -12.68 -19.82
N THR F 5 20.26 -13.09 -20.86
CA THR F 5 20.25 -12.42 -22.15
C THR F 5 20.00 -13.43 -23.26
N GLN F 6 19.39 -12.96 -24.35
CA GLN F 6 19.13 -13.78 -25.52
C GLN F 6 19.80 -13.15 -26.73
N SER F 7 20.14 -14.00 -27.71
CA SER F 7 20.80 -13.54 -28.92
C SER F 7 20.36 -14.44 -30.07
N PRO F 8 20.02 -13.87 -31.24
CA PRO F 8 19.97 -12.43 -31.56
C PRO F 8 18.73 -11.76 -30.98
N SER F 9 18.75 -10.44 -30.78
CA SER F 9 17.54 -9.76 -30.36
C SER F 9 16.43 -9.92 -31.39
N SER F 10 16.79 -10.08 -32.66
CA SER F 10 15.83 -10.31 -33.73
C SER F 10 16.57 -10.82 -34.95
N LEU F 11 15.90 -11.68 -35.73
CA LEU F 11 16.47 -12.21 -36.95
C LEU F 11 15.33 -12.57 -37.89
N SER F 12 15.70 -12.84 -39.14
CA SER F 12 14.73 -13.15 -40.19
C SER F 12 15.17 -14.39 -40.96
N ALA F 13 14.24 -15.32 -41.15
CA ALA F 13 14.49 -16.51 -41.94
C ALA F 13 13.16 -16.97 -42.54
N SER F 14 13.25 -17.68 -43.66
CA SER F 14 12.07 -18.09 -44.41
C SER F 14 11.74 -19.56 -44.12
N VAL F 15 10.60 -19.99 -44.67
CA VAL F 15 10.15 -21.36 -44.45
C VAL F 15 11.20 -22.34 -44.91
N GLY F 16 11.49 -23.34 -44.09
CA GLY F 16 12.47 -24.36 -44.37
C GLY F 16 13.81 -24.14 -43.72
N ASP F 17 14.14 -22.90 -43.36
CA ASP F 17 15.43 -22.58 -42.77
C ASP F 17 15.46 -23.03 -41.31
N ARG F 18 16.52 -23.75 -40.94
CA ARG F 18 16.73 -24.09 -39.53
C ARG F 18 17.24 -22.87 -38.80
N VAL F 19 16.70 -22.62 -37.60
CA VAL F 19 17.05 -21.45 -36.82
C VAL F 19 17.57 -21.91 -35.46
N THR F 20 18.43 -21.08 -34.87
CA THR F 20 19.05 -21.38 -33.57
C THR F 20 19.15 -20.09 -32.77
N ILE F 21 18.37 -20.00 -31.70
CA ILE F 21 18.42 -18.88 -30.77
C ILE F 21 19.18 -19.32 -29.53
N THR F 22 19.97 -18.41 -28.96
CA THR F 22 20.81 -18.71 -27.81
C THR F 22 20.32 -17.93 -26.59
N CYS F 23 20.57 -18.51 -25.42
CA CYS F 23 20.20 -17.90 -24.15
C CYS F 23 21.38 -18.05 -23.19
N ARG F 24 21.74 -16.97 -22.51
CA ARG F 24 22.90 -16.94 -21.63
C ARG F 24 22.50 -16.43 -20.26
N ALA F 25 22.99 -17.09 -19.21
CA ALA F 25 22.77 -16.69 -17.84
C ALA F 25 24.11 -16.36 -17.20
N SER F 26 24.12 -15.31 -16.38
CA SER F 26 25.37 -14.85 -15.75
C SER F 26 25.92 -15.84 -14.73
N GLN F 27 25.14 -16.84 -14.32
CA GLN F 27 25.63 -17.87 -13.42
C GLN F 27 25.02 -19.21 -13.82
N ASP F 28 25.51 -20.27 -13.19
CA ASP F 28 25.12 -21.62 -13.56
C ASP F 28 23.69 -21.91 -13.10
N ILE F 29 22.96 -22.68 -13.91
CA ILE F 29 21.59 -23.06 -13.57
C ILE F 29 21.34 -24.50 -13.99
N THR F 30 22.41 -25.31 -14.05
CA THR F 30 22.32 -26.75 -14.36
C THR F 30 21.54 -26.89 -15.67
N SER F 31 20.50 -27.72 -15.71
CA SER F 31 19.71 -27.94 -16.91
C SER F 31 18.26 -27.49 -16.72
N TYR F 32 18.06 -26.45 -15.91
CA TYR F 32 16.73 -25.95 -15.57
C TYR F 32 16.51 -24.65 -16.31
N LEU F 33 16.06 -24.77 -17.57
CA LEU F 33 15.71 -23.62 -18.40
C LEU F 33 14.46 -23.97 -19.19
N ALA F 34 13.55 -23.00 -19.31
CA ALA F 34 12.27 -23.18 -19.98
C ALA F 34 12.15 -22.20 -21.13
N TRP F 35 11.63 -22.69 -22.26
CA TRP F 35 11.42 -21.88 -23.46
C TRP F 35 9.93 -21.69 -23.70
N TYR F 36 9.56 -20.48 -24.11
CA TYR F 36 8.17 -20.13 -24.36
C TYR F 36 8.03 -19.47 -25.73
N GLN F 37 6.86 -19.66 -26.33
CA GLN F 37 6.51 -19.02 -27.59
C GLN F 37 5.31 -18.12 -27.34
N GLN F 38 5.41 -16.87 -27.80
CA GLN F 38 4.36 -15.87 -27.58
C GLN F 38 3.96 -15.26 -28.92
N LYS F 39 2.72 -15.49 -29.33
CA LYS F 39 2.17 -14.83 -30.50
C LYS F 39 1.90 -13.36 -30.19
N PRO F 40 1.69 -12.54 -31.22
CA PRO F 40 1.34 -11.13 -30.96
C PRO F 40 0.03 -11.01 -30.22
N GLY F 41 0.09 -10.49 -28.99
CA GLY F 41 -1.10 -10.23 -28.21
C GLY F 41 -1.73 -11.46 -27.58
N ARG F 42 -0.98 -12.55 -27.45
CA ARG F 42 -1.47 -13.76 -26.81
C ARG F 42 -0.52 -14.18 -25.70
N ALA F 43 -1.06 -14.87 -24.71
CA ALA F 43 -0.23 -15.36 -23.61
C ALA F 43 0.77 -16.37 -24.16
N PRO F 44 1.96 -16.46 -23.55
CA PRO F 44 2.96 -17.41 -24.03
C PRO F 44 2.44 -18.84 -24.03
N LYS F 45 3.13 -19.68 -24.81
CA LYS F 45 2.82 -21.10 -24.90
C LYS F 45 4.07 -21.88 -24.48
N LEU F 46 3.94 -22.65 -23.39
CA LEU F 46 5.07 -23.42 -22.90
C LEU F 46 5.54 -24.39 -23.97
N LEU F 47 6.80 -24.24 -24.39
CA LEU F 47 7.41 -25.13 -25.37
C LEU F 47 8.26 -26.21 -24.70
N ILE F 48 9.28 -25.80 -23.95
CA ILE F 48 10.29 -26.72 -23.45
C ILE F 48 10.62 -26.38 -22.00
N TYR F 49 10.97 -27.42 -21.24
CA TYR F 49 11.50 -27.28 -19.89
C TYR F 49 12.60 -28.31 -19.72
N LYS F 50 13.34 -28.19 -18.62
CA LYS F 50 14.45 -29.09 -18.34
C LYS F 50 15.43 -29.13 -19.51
N THR F 51 15.88 -27.93 -19.92
CA THR F 51 16.89 -27.73 -20.96
C THR F 51 16.50 -28.30 -22.33
N SER F 52 15.75 -29.41 -22.36
CA SER F 52 15.40 -29.97 -23.66
C SER F 52 14.21 -30.93 -23.60
N THR F 53 13.41 -30.92 -22.53
CA THR F 53 12.23 -31.79 -22.44
C THR F 53 11.08 -31.10 -23.14
N LEU F 54 10.61 -31.70 -24.23
CA LEU F 54 9.58 -31.09 -25.07
C LEU F 54 8.22 -31.23 -24.41
N GLN F 55 7.53 -30.10 -24.23
CA GLN F 55 6.18 -30.14 -23.68
C GLN F 55 5.26 -30.95 -24.58
N SER F 56 4.39 -31.74 -23.96
CA SER F 56 3.49 -32.59 -24.71
C SER F 56 2.63 -31.76 -25.66
N GLY F 57 2.58 -32.17 -26.93
CA GLY F 57 1.81 -31.47 -27.94
C GLY F 57 2.59 -30.46 -28.75
N VAL F 58 3.86 -30.25 -28.45
CA VAL F 58 4.70 -29.31 -29.20
C VAL F 58 5.32 -30.07 -30.37
N PRO F 59 5.43 -29.48 -31.56
CA PRO F 59 5.97 -30.22 -32.70
C PRO F 59 7.36 -30.76 -32.42
N SER F 60 7.72 -31.80 -33.18
CA SER F 60 9.01 -32.45 -32.97
C SER F 60 10.17 -31.56 -33.41
N ARG F 61 9.94 -30.65 -34.36
CA ARG F 61 11.01 -29.80 -34.86
C ARG F 61 11.58 -28.88 -33.79
N PHE F 62 10.90 -28.70 -32.66
CA PHE F 62 11.43 -27.92 -31.55
C PHE F 62 12.38 -28.78 -30.73
N SER F 63 13.60 -28.29 -30.53
CA SER F 63 14.63 -29.03 -29.80
C SER F 63 15.44 -28.07 -28.96
N GLY F 64 15.89 -28.57 -27.81
CA GLY F 64 16.72 -27.79 -26.91
C GLY F 64 18.05 -28.46 -26.64
N SER F 65 19.05 -27.66 -26.24
CA SER F 65 20.38 -28.20 -25.98
C SER F 65 21.18 -27.18 -25.17
N GLY F 66 22.22 -27.67 -24.51
CA GLY F 66 23.11 -26.85 -23.72
C GLY F 66 23.18 -27.33 -22.28
N SER F 67 23.88 -26.54 -21.46
CA SER F 67 24.04 -26.87 -20.04
C SER F 67 24.80 -25.74 -19.34
N GLY F 68 24.44 -25.51 -18.07
CA GLY F 68 25.14 -24.52 -17.29
C GLY F 68 24.73 -23.09 -17.60
N THR F 69 25.57 -22.37 -18.34
CA THR F 69 25.36 -20.96 -18.62
C THR F 69 25.15 -20.67 -20.10
N ASP F 70 24.81 -21.69 -20.89
CA ASP F 70 24.59 -21.52 -22.31
C ASP F 70 23.62 -22.57 -22.79
N PHE F 71 22.56 -22.13 -23.48
CA PHE F 71 21.51 -23.02 -23.98
C PHE F 71 21.14 -22.59 -25.40
N THR F 72 20.41 -23.47 -26.08
CA THR F 72 20.07 -23.24 -27.47
C THR F 72 18.73 -23.86 -27.81
N LEU F 73 17.83 -23.07 -28.41
CA LEU F 73 16.58 -23.55 -28.98
C LEU F 73 16.73 -23.63 -30.49
N THR F 74 16.47 -24.80 -31.05
CA THR F 74 16.68 -25.07 -32.47
C THR F 74 15.37 -25.51 -33.10
N ILE F 75 15.00 -24.88 -34.21
CA ILE F 75 13.80 -25.21 -34.96
C ILE F 75 14.25 -25.67 -36.34
N SER F 76 14.19 -26.98 -36.58
CA SER F 76 14.51 -27.52 -37.89
C SER F 76 13.30 -27.41 -38.82
N SER F 77 13.56 -27.02 -40.06
CA SER F 77 12.50 -26.82 -41.05
C SER F 77 11.41 -25.88 -40.50
N LEU F 78 11.81 -24.62 -40.34
CA LEU F 78 10.93 -23.61 -39.79
C LEU F 78 9.63 -23.55 -40.59
N GLN F 79 8.51 -23.47 -39.86
CA GLN F 79 7.18 -23.42 -40.46
C GLN F 79 6.59 -22.02 -40.35
N PRO F 80 5.52 -21.73 -41.10
CA PRO F 80 4.96 -20.38 -41.05
C PRO F 80 4.43 -19.98 -39.69
N GLU F 81 3.70 -20.87 -39.02
CA GLU F 81 3.13 -20.56 -37.71
C GLU F 81 4.19 -20.39 -36.63
N ASP F 82 5.45 -20.66 -36.93
CA ASP F 82 6.52 -20.50 -35.94
C ASP F 82 7.01 -19.07 -35.82
N PHE F 83 6.40 -18.12 -36.53
CA PHE F 83 6.72 -16.72 -36.32
C PHE F 83 6.20 -16.28 -34.96
N ALA F 84 7.08 -15.70 -34.14
CA ALA F 84 6.72 -15.29 -32.80
C ALA F 84 7.93 -14.74 -32.04
N THR F 85 7.72 -14.36 -30.78
CA THR F 85 8.78 -13.98 -29.87
C THR F 85 9.01 -15.12 -28.88
N TYR F 86 10.29 -15.45 -28.67
CA TYR F 86 10.66 -16.60 -27.85
C TYR F 86 11.46 -16.13 -26.64
N TYR F 87 11.10 -16.64 -25.47
CA TYR F 87 11.73 -16.26 -24.21
C TYR F 87 12.31 -17.50 -23.52
N CYS F 88 13.42 -17.31 -22.83
CA CYS F 88 14.00 -18.33 -21.96
C CYS F 88 13.86 -17.90 -20.51
N GLN F 89 13.65 -18.87 -19.63
CA GLN F 89 13.35 -18.59 -18.23
C GLN F 89 14.10 -19.55 -17.32
N ARG F 90 14.72 -19.00 -16.28
CA ARG F 90 15.26 -19.80 -15.19
C ARG F 90 14.10 -20.34 -14.36
N HIS F 91 14.06 -21.67 -14.19
CA HIS F 91 12.96 -22.32 -13.47
C HIS F 91 13.52 -23.32 -12.46
N ASP F 92 14.40 -22.85 -11.59
CA ASP F 92 14.95 -23.66 -10.50
C ASP F 92 14.92 -22.93 -9.16
N THR F 93 15.25 -21.65 -9.13
CA THR F 93 15.21 -20.87 -7.91
C THR F 93 14.86 -19.43 -8.26
N THR F 94 14.36 -18.69 -7.27
CA THR F 94 13.99 -17.30 -7.49
C THR F 94 15.19 -16.52 -8.03
N PRO F 95 14.94 -15.41 -8.74
CA PRO F 95 13.63 -14.84 -9.09
C PRO F 95 13.06 -15.33 -10.42
N LEU F 96 13.46 -16.52 -10.90
CA LEU F 96 12.92 -17.08 -12.14
C LEU F 96 12.88 -16.04 -13.25
N THR F 97 13.97 -15.30 -13.40
CA THR F 97 13.97 -14.17 -14.32
C THR F 97 13.75 -14.62 -15.76
N PHE F 98 12.96 -13.83 -16.50
CA PHE F 98 12.75 -14.07 -17.92
C PHE F 98 13.88 -13.44 -18.73
N GLY F 99 14.01 -13.91 -19.98
CA GLY F 99 14.98 -13.34 -20.89
C GLY F 99 14.43 -12.13 -21.64
N GLY F 100 15.33 -11.49 -22.39
CA GLY F 100 14.94 -10.30 -23.14
C GLY F 100 13.99 -10.56 -24.29
N GLY F 101 13.97 -11.79 -24.80
CA GLY F 101 13.08 -12.13 -25.89
C GLY F 101 13.72 -11.97 -27.25
N THR F 102 13.45 -12.91 -28.16
CA THR F 102 13.96 -12.86 -29.52
C THR F 102 12.80 -12.94 -30.50
N THR F 103 12.74 -11.98 -31.42
CA THR F 103 11.69 -11.93 -32.42
C THR F 103 12.14 -12.64 -33.69
N VAL F 104 11.20 -13.33 -34.35
CA VAL F 104 11.47 -14.09 -35.55
C VAL F 104 10.67 -13.49 -36.69
N GLU F 105 11.34 -13.19 -37.79
CA GLU F 105 10.74 -12.57 -38.95
C GLU F 105 10.46 -13.60 -40.05
N LEU F 106 9.98 -13.10 -41.18
CA LEU F 106 9.83 -13.89 -42.40
C LEU F 106 10.46 -13.09 -43.54
N LYS F 107 11.68 -13.45 -43.92
CA LYS F 107 12.37 -12.77 -45.01
C LYS F 107 11.47 -12.70 -46.24
N ARG F 108 11.64 -11.64 -47.02
CA ARG F 108 10.89 -11.49 -48.26
C ARG F 108 11.58 -10.45 -49.12
N THR F 109 11.10 -10.34 -50.36
CA THR F 109 11.72 -9.45 -51.33
C THR F 109 11.77 -8.02 -50.80
N VAL F 110 12.92 -7.37 -50.98
CA VAL F 110 13.10 -5.98 -50.59
C VAL F 110 12.17 -5.11 -51.42
N ALA F 111 11.04 -4.73 -50.84
CA ALA F 111 10.04 -3.92 -51.53
C ALA F 111 10.15 -2.47 -51.10
N ALA F 112 9.98 -1.55 -52.06
CA ALA F 112 10.05 -0.13 -51.76
C ALA F 112 8.74 0.35 -51.14
N PRO F 113 8.80 1.37 -50.28
CA PRO F 113 7.58 1.86 -49.64
C PRO F 113 6.78 2.78 -50.54
N SER F 114 5.46 2.65 -50.46
CA SER F 114 4.54 3.59 -51.09
C SER F 114 4.35 4.75 -50.11
N VAL F 115 5.08 5.84 -50.33
CA VAL F 115 5.13 6.94 -49.37
C VAL F 115 4.03 7.95 -49.71
N PHE F 116 3.17 8.21 -48.74
CA PHE F 116 2.11 9.20 -48.86
C PHE F 116 2.27 10.24 -47.76
N ILE F 117 1.69 11.41 -47.97
CA ILE F 117 1.69 12.49 -46.99
C ILE F 117 0.29 13.10 -46.94
N PHE F 118 -0.23 13.28 -45.74
CA PHE F 118 -1.58 13.75 -45.53
C PHE F 118 -1.57 15.03 -44.70
N PRO F 119 -2.18 16.11 -45.17
CA PRO F 119 -2.21 17.36 -44.38
C PRO F 119 -3.29 17.30 -43.32
N PRO F 120 -3.30 18.25 -42.39
CA PRO F 120 -4.42 18.32 -41.43
C PRO F 120 -5.71 18.70 -42.12
N SER F 121 -6.81 18.18 -41.57
CA SER F 121 -8.12 18.41 -42.15
C SER F 121 -8.69 19.75 -41.72
N ASP F 122 -9.75 20.17 -42.42
CA ASP F 122 -10.41 21.42 -42.08
C ASP F 122 -10.94 21.41 -40.65
N GLU F 123 -11.33 20.24 -40.15
CA GLU F 123 -11.88 20.15 -38.80
C GLU F 123 -10.79 20.35 -37.76
N GLN F 124 -9.73 19.55 -37.83
CA GLN F 124 -8.63 19.70 -36.88
C GLN F 124 -8.04 21.11 -36.92
N LEU F 125 -8.08 21.76 -38.09
CA LEU F 125 -7.65 23.15 -38.17
C LEU F 125 -8.57 24.06 -37.36
N LYS F 126 -9.86 23.77 -37.37
CA LYS F 126 -10.79 24.49 -36.51
C LYS F 126 -10.53 24.22 -35.03
N SER F 127 -9.89 23.10 -34.71
CA SER F 127 -9.64 22.72 -33.32
C SER F 127 -8.38 23.37 -32.76
N GLY F 128 -7.56 24.03 -33.58
CA GLY F 128 -6.37 24.68 -33.11
C GLY F 128 -5.12 23.83 -33.10
N THR F 129 -5.15 22.66 -33.72
CA THR F 129 -4.00 21.76 -33.77
C THR F 129 -3.72 21.38 -35.22
N ALA F 130 -2.46 21.08 -35.50
CA ALA F 130 -2.01 20.71 -36.85
C ALA F 130 -1.18 19.44 -36.74
N SER F 131 -1.73 18.32 -37.20
CA SER F 131 -1.05 17.03 -37.18
C SER F 131 -0.86 16.57 -38.62
N VAL F 132 0.39 16.60 -39.09
CA VAL F 132 0.72 16.16 -40.44
C VAL F 132 1.15 14.71 -40.39
N VAL F 133 0.50 13.87 -41.20
CA VAL F 133 0.72 12.43 -41.19
C VAL F 133 1.53 12.04 -42.43
N CYS F 134 2.51 11.17 -42.23
CA CYS F 134 3.32 10.62 -43.31
C CYS F 134 3.21 9.10 -43.26
N LEU F 135 2.81 8.50 -44.38
CA LEU F 135 2.52 7.08 -44.46
C LEU F 135 3.56 6.38 -45.31
N LEU F 136 4.06 5.24 -44.83
CA LEU F 136 4.88 4.32 -45.59
C LEU F 136 4.15 2.99 -45.63
N ASN F 137 3.76 2.54 -46.83
CA ASN F 137 2.90 1.37 -46.99
C ASN F 137 3.64 0.26 -47.71
N ASN F 138 3.63 -0.94 -47.13
CA ASN F 138 4.20 -2.13 -47.74
C ASN F 138 5.65 -1.90 -48.16
N PHE F 139 6.59 -2.25 -47.28
CA PHE F 139 8.01 -2.18 -47.62
C PHE F 139 8.77 -3.19 -46.78
N TYR F 140 10.04 -3.39 -47.14
CA TYR F 140 10.93 -4.33 -46.45
C TYR F 140 12.35 -3.92 -46.78
N PRO F 141 13.30 -4.01 -45.83
CA PRO F 141 13.16 -4.48 -44.44
C PRO F 141 12.44 -3.50 -43.52
N ARG F 142 12.37 -3.82 -42.23
CA ARG F 142 11.63 -3.02 -41.29
C ARG F 142 12.32 -1.69 -40.97
N GLU F 143 13.63 -1.61 -41.18
CA GLU F 143 14.37 -0.41 -40.83
C GLU F 143 14.05 0.72 -41.79
N ALA F 144 13.64 1.87 -41.25
CA ALA F 144 13.33 3.04 -42.05
C ALA F 144 13.49 4.27 -41.17
N LYS F 145 14.08 5.32 -41.74
CA LYS F 145 14.33 6.57 -41.03
C LYS F 145 13.46 7.67 -41.63
N VAL F 146 12.64 8.30 -40.80
CA VAL F 146 11.75 9.37 -41.22
C VAL F 146 12.13 10.63 -40.44
N GLN F 147 12.28 11.75 -41.16
CA GLN F 147 12.63 13.02 -40.55
C GLN F 147 11.72 14.10 -41.12
N TRP F 148 11.13 14.90 -40.24
CA TRP F 148 10.28 16.01 -40.63
C TRP F 148 11.10 17.27 -40.84
N LYS F 149 10.72 18.06 -41.86
CA LYS F 149 11.40 19.31 -42.17
C LYS F 149 10.35 20.36 -42.48
N VAL F 150 10.17 21.30 -41.56
CA VAL F 150 9.26 22.42 -41.76
C VAL F 150 10.10 23.59 -42.28
N ASP F 151 10.00 23.84 -43.58
CA ASP F 151 10.80 24.87 -44.25
C ASP F 151 12.29 24.65 -44.00
N ASN F 152 12.75 23.47 -44.41
CA ASN F 152 14.16 23.11 -44.34
C ASN F 152 14.68 23.10 -42.90
N ALA F 153 13.80 22.84 -41.94
CA ALA F 153 14.15 22.82 -40.51
C ALA F 153 13.88 21.44 -39.96
N LEU F 154 14.95 20.68 -39.71
CA LEU F 154 14.82 19.35 -39.14
C LEU F 154 14.13 19.43 -37.78
N GLN F 155 13.31 18.42 -37.49
CA GLN F 155 12.56 18.34 -36.25
C GLN F 155 13.10 17.24 -35.36
N SER F 156 12.72 17.29 -34.08
CA SER F 156 13.17 16.30 -33.11
C SER F 156 12.42 16.44 -31.79
N GLY F 157 11.81 15.36 -31.33
CA GLY F 157 11.12 15.35 -30.06
C GLY F 157 9.68 15.78 -30.10
N ASN F 158 9.23 16.41 -31.19
CA ASN F 158 7.87 16.88 -31.33
C ASN F 158 7.06 16.05 -32.33
N SER F 159 7.57 14.91 -32.75
CA SER F 159 6.86 14.01 -33.64
C SER F 159 7.01 12.57 -33.13
N GLN F 160 6.00 11.76 -33.42
CA GLN F 160 5.97 10.37 -32.99
C GLN F 160 5.64 9.47 -34.17
N GLU F 161 6.17 8.26 -34.14
CA GLU F 161 5.96 7.29 -35.21
C GLU F 161 5.64 5.93 -34.62
N SER F 162 4.78 5.18 -35.31
CA SER F 162 4.40 3.84 -34.90
C SER F 162 4.40 2.94 -36.13
N VAL F 163 4.83 1.70 -35.94
CA VAL F 163 4.98 0.74 -37.03
C VAL F 163 3.98 -0.38 -36.84
N THR F 164 3.57 -0.98 -37.97
CA THR F 164 2.62 -2.08 -37.96
C THR F 164 3.36 -3.42 -37.91
N GLU F 165 2.60 -4.51 -37.88
CA GLU F 165 3.17 -5.84 -37.92
C GLU F 165 3.50 -6.23 -39.36
N GLN F 166 4.12 -7.39 -39.53
CA GLN F 166 4.31 -7.96 -40.86
C GLN F 166 2.95 -8.40 -41.38
N ASP F 167 2.48 -7.75 -42.43
CA ASP F 167 1.20 -8.10 -43.03
C ASP F 167 1.14 -9.60 -43.30
N SER F 168 0.04 -10.24 -42.89
CA SER F 168 -0.05 -11.69 -42.95
C SER F 168 -0.02 -12.23 -44.38
N LYS F 169 -0.02 -11.37 -45.39
CA LYS F 169 -0.12 -11.80 -46.78
C LYS F 169 1.16 -11.55 -47.57
N ASP F 170 1.69 -10.32 -47.56
CA ASP F 170 2.90 -9.99 -48.30
C ASP F 170 4.10 -9.76 -47.39
N SER F 171 3.98 -9.98 -46.10
CA SER F 171 5.10 -9.90 -45.17
C SER F 171 5.87 -8.58 -45.31
N THR F 172 5.12 -7.50 -45.50
CA THR F 172 5.68 -6.16 -45.56
C THR F 172 5.23 -5.35 -44.35
N TYR F 173 5.83 -4.17 -44.18
CA TYR F 173 5.60 -3.32 -43.04
C TYR F 173 4.91 -2.03 -43.45
N SER F 174 4.45 -1.30 -42.44
CA SER F 174 3.85 0.01 -42.64
C SER F 174 4.17 0.88 -41.43
N LEU F 175 4.56 2.13 -41.69
CA LEU F 175 4.93 3.07 -40.64
C LEU F 175 4.12 4.35 -40.79
N SER F 176 3.69 4.90 -39.66
CA SER F 176 2.93 6.15 -39.63
C SER F 176 3.61 7.09 -38.65
N SER F 177 4.02 8.26 -39.15
CA SER F 177 4.62 9.31 -38.34
C SER F 177 3.75 10.56 -38.39
N THR F 178 3.47 11.13 -37.23
CA THR F 178 2.61 12.29 -37.11
C THR F 178 3.35 13.40 -36.38
N LEU F 179 3.51 14.54 -37.04
CA LEU F 179 4.10 15.74 -36.44
C LEU F 179 2.96 16.66 -36.01
N THR F 180 2.86 16.93 -34.72
CA THR F 180 1.79 17.73 -34.14
C THR F 180 2.36 19.06 -33.65
N LEU F 181 1.79 20.15 -34.14
CA LEU F 181 2.16 21.49 -33.71
C LEU F 181 0.89 22.31 -33.47
N SER F 182 1.06 23.43 -32.77
CA SER F 182 -0.02 24.38 -32.64
C SER F 182 -0.32 25.01 -34.00
N LYS F 183 -1.61 25.31 -34.22
CA LYS F 183 -1.99 25.94 -35.48
C LYS F 183 -1.26 27.24 -35.71
N ALA F 184 -0.75 27.89 -34.65
CA ALA F 184 0.05 29.08 -34.82
C ALA F 184 1.38 28.75 -35.50
N ASP F 185 2.15 27.85 -34.92
CA ASP F 185 3.42 27.45 -35.52
C ASP F 185 3.24 26.80 -36.87
N TYR F 186 2.02 26.35 -37.20
CA TYR F 186 1.78 25.68 -38.48
C TYR F 186 1.54 26.68 -39.60
N GLU F 187 0.49 27.49 -39.48
CA GLU F 187 0.12 28.39 -40.57
C GLU F 187 1.24 29.37 -40.91
N LYS F 188 2.12 29.66 -39.95
CA LYS F 188 3.26 30.54 -40.23
C LYS F 188 4.07 30.00 -41.40
N HIS F 189 4.59 28.79 -41.27
CA HIS F 189 5.31 28.16 -42.36
C HIS F 189 4.35 27.72 -43.45
N LYS F 190 4.89 27.53 -44.65
CA LYS F 190 4.08 27.18 -45.81
C LYS F 190 4.41 25.82 -46.41
N VAL F 191 5.66 25.38 -46.38
CA VAL F 191 6.08 24.12 -46.98
C VAL F 191 6.41 23.14 -45.86
N TYR F 192 5.86 21.92 -45.97
CA TYR F 192 6.09 20.86 -45.00
C TYR F 192 6.54 19.61 -45.76
N ALA F 193 7.64 19.01 -45.32
CA ALA F 193 8.26 17.91 -46.03
C ALA F 193 8.45 16.72 -45.11
N CYS F 194 8.29 15.52 -45.67
CA CYS F 194 8.54 14.26 -44.98
C CYS F 194 9.67 13.54 -45.70
N GLU F 195 10.81 13.41 -45.03
CA GLU F 195 12.00 12.81 -45.61
C GLU F 195 12.10 11.35 -45.18
N VAL F 196 12.23 10.45 -46.16
CA VAL F 196 12.33 9.03 -45.92
C VAL F 196 13.69 8.55 -46.43
N THR F 197 14.42 7.85 -45.57
CA THR F 197 15.67 7.19 -45.96
C THR F 197 15.52 5.70 -45.72
N HIS F 198 15.87 4.89 -46.72
CA HIS F 198 15.65 3.46 -46.67
C HIS F 198 16.79 2.77 -47.42
N GLN F 199 16.96 1.48 -47.14
CA GLN F 199 18.03 0.72 -47.78
C GLN F 199 17.94 0.77 -49.30
N GLY F 200 16.75 1.00 -49.84
CA GLY F 200 16.56 1.02 -51.28
C GLY F 200 16.59 2.41 -51.87
N LEU F 201 17.15 3.37 -51.14
CA LEU F 201 17.26 4.75 -51.60
C LEU F 201 18.73 5.15 -51.61
N SER F 202 19.22 5.58 -52.78
CA SER F 202 20.58 6.07 -52.87
C SER F 202 20.74 7.37 -52.08
N SER F 203 19.72 8.22 -52.10
CA SER F 203 19.68 9.46 -51.33
C SER F 203 18.28 9.63 -50.78
N PRO F 204 18.11 10.44 -49.74
CA PRO F 204 16.79 10.59 -49.14
C PRO F 204 15.74 11.03 -50.16
N VAL F 205 14.50 10.61 -49.93
CA VAL F 205 13.37 10.98 -50.76
C VAL F 205 12.45 11.88 -49.93
N THR F 206 12.07 13.01 -50.50
CA THR F 206 11.24 14.00 -49.82
C THR F 206 9.87 14.06 -50.46
N LYS F 207 8.84 14.15 -49.61
CA LYS F 207 7.45 14.28 -50.05
C LYS F 207 6.82 15.41 -49.26
N SER F 208 6.45 16.49 -49.93
CA SER F 208 6.04 17.71 -49.26
C SER F 208 4.78 18.28 -49.91
N PHE F 209 4.14 19.20 -49.20
CA PHE F 209 2.98 19.91 -49.70
C PHE F 209 3.04 21.34 -49.19
N ASN F 210 2.01 22.12 -49.55
CA ASN F 210 1.91 23.50 -49.09
C ASN F 210 0.69 23.69 -48.21
#